data_5ER9
#
_entry.id   5ER9
#
_cell.length_a   123.675
_cell.length_b   131.426
_cell.length_c   135.814
_cell.angle_alpha   90.000
_cell.angle_beta   90.000
_cell.angle_gamma   90.000
#
_symmetry.space_group_name_H-M   'I 2 2 2'
#
loop_
_entity.id
_entity.type
_entity.pdbx_description
1 polymer 'UDP-galactopyranose mutase'
2 non-polymer "URIDINE-5'-DIPHOSPHATE"
3 non-polymer 'FLAVIN-ADENINE DINUCLEOTIDE'
4 non-polymer 'NITRATE ION'
5 non-polymer 'SULFATE ION'
6 water water
#
_entity_poly.entity_id   1
_entity_poly.type   'polypeptide(L)'
_entity_poly.pdbx_seq_one_letter_code
;STGNFDLFVVGSGFFGLTIAERAATQLGKRVLVIERRPHIGGNAYSEPEPETGIEVHKYGAHLFHTSNKRVWDYVRQFTD
FTGYQHRVFAMHNGQAYQFPMGLGLVSQFFGRYFSPDEARALIAEQASEIDTKDAKNFEEKAISLVGRPLYEAFIKHYTA
KQWQTDPKDLPASNITRLPVRYTFDNRYFNDTYEGLPVEGYTKWLENMAADERIEVRLDTDWFDVRDDLRAANPDAPVVY
TGPLDRYFDYAEGRLGWRTLDFELEVLETGDFQGTPVMNYNDLDVPYTRIHEFRHFHPERTYPTDKTVIMREYSRFADND
DEPYYPINTEADRAVLAAYRARAKAETASAKVLFGGRLGTYQYLDMHMAIASALSMFDNVLAPHLSEGASLVTEDESSKA
;
_entity_poly.pdbx_strand_id   A,B
#
loop_
_chem_comp.id
_chem_comp.type
_chem_comp.name
_chem_comp.formula
FAD non-polymer 'FLAVIN-ADENINE DINUCLEOTIDE' 'C27 H33 N9 O15 P2'
NO3 non-polymer 'NITRATE ION' 'N O3 -1'
SO4 non-polymer 'SULFATE ION' 'O4 S -2'
UDP RNA linking URIDINE-5'-DIPHOSPHATE 'C9 H14 N2 O12 P2'
#
# COMPACT_ATOMS: atom_id res chain seq x y z
N SER A 1 -21.04 0.28 41.18
N SER A 1 -21.19 0.39 41.01
CA SER A 1 -20.83 1.40 42.07
CA SER A 1 -20.70 1.34 41.99
C SER A 1 -20.17 2.58 41.34
C SER A 1 -20.15 2.59 41.31
N THR A 2 -19.87 3.63 42.08
CA THR A 2 -19.17 4.81 41.55
C THR A 2 -18.11 5.28 42.55
N GLY A 3 -17.21 6.15 42.11
CA GLY A 3 -16.20 6.69 43.01
C GLY A 3 -15.24 5.64 43.54
N ASN A 4 -14.70 5.89 44.73
CA ASN A 4 -13.69 5.03 45.34
C ASN A 4 -12.61 4.70 44.34
N PHE A 5 -12.12 5.75 43.70
CA PHE A 5 -11.20 5.61 42.59
C PHE A 5 -9.84 5.11 43.05
N ASP A 6 -9.29 4.19 42.26
CA ASP A 6 -7.97 3.61 42.48
C ASP A 6 -6.93 4.33 41.67
N LEU A 7 -7.38 5.11 40.70
CA LEU A 7 -6.47 5.74 39.74
C LEU A 7 -7.10 6.98 39.13
N PHE A 8 -6.35 8.08 39.08
CA PHE A 8 -6.77 9.24 38.30
C PHE A 8 -5.96 9.32 37.01
N VAL A 9 -6.63 9.53 35.88
CA VAL A 9 -5.94 9.78 34.63
C VAL A 9 -6.32 11.17 34.10
N VAL A 10 -5.33 12.03 33.87
CA VAL A 10 -5.59 13.37 33.37
C VAL A 10 -5.35 13.40 31.87
N GLY A 11 -6.43 13.56 31.10
CA GLY A 11 -6.38 13.57 29.66
C GLY A 11 -6.89 12.28 29.04
N SER A 12 -7.68 12.39 27.99
CA SER A 12 -8.33 11.22 27.39
C SER A 12 -7.88 10.99 25.94
N GLY A 13 -6.62 11.33 25.66
CA GLY A 13 -6.05 10.95 24.40
C GLY A 13 -5.68 9.47 24.40
N PHE A 14 -5.07 8.99 23.33
CA PHE A 14 -4.69 7.58 23.29
C PHE A 14 -3.79 7.15 24.45
N PHE A 15 -2.87 7.99 24.93
CA PHE A 15 -2.06 7.56 26.08
C PHE A 15 -2.94 7.34 27.31
N GLY A 16 -3.73 8.35 27.67
CA GLY A 16 -4.56 8.28 28.85
C GLY A 16 -5.57 7.14 28.77
N LEU A 17 -6.17 6.93 27.61
CA LEU A 17 -7.21 5.91 27.51
C LEU A 17 -6.60 4.51 27.52
N THR A 18 -5.39 4.37 27.02
CA THR A 18 -4.70 3.07 27.11
C THR A 18 -4.47 2.74 28.58
N ILE A 19 -3.97 3.71 29.34
CA ILE A 19 -3.76 3.52 30.77
C ILE A 19 -5.05 3.15 31.48
N ALA A 20 -6.10 3.92 31.22
CA ALA A 20 -7.38 3.72 31.89
C ALA A 20 -7.96 2.34 31.58
N GLU A 21 -7.94 1.97 30.30
CA GLU A 21 -8.50 0.69 29.89
C GLU A 21 -7.71 -0.49 30.49
N ARG A 22 -6.38 -0.40 30.48
CA ARG A 22 -5.57 -1.49 31.03
C ARG A 22 -5.81 -1.64 32.53
N ALA A 23 -5.82 -0.52 33.26
CA ALA A 23 -6.06 -0.60 34.70
C ALA A 23 -7.43 -1.21 35.00
N ALA A 24 -8.43 -0.79 34.23
CA ALA A 24 -9.80 -1.26 34.46
C ALA A 24 -9.93 -2.73 34.12
N THR A 25 -9.56 -3.13 32.91
CA THR A 25 -9.91 -4.48 32.49
C THR A 25 -8.93 -5.52 32.98
N GLN A 26 -7.67 -5.14 33.13
CA GLN A 26 -6.65 -6.11 33.52
C GLN A 26 -6.49 -6.24 35.02
N LEU A 27 -6.74 -5.16 35.76
CA LEU A 27 -6.55 -5.15 37.22
C LEU A 27 -7.83 -4.94 38.01
N GLY A 28 -8.92 -4.66 37.31
CA GLY A 28 -10.21 -4.46 37.95
C GLY A 28 -10.26 -3.19 38.78
N LYS A 29 -9.44 -2.21 38.41
CA LYS A 29 -9.34 -0.97 39.18
C LYS A 29 -10.34 0.08 38.69
N ARG A 30 -10.79 0.93 39.61
N ARG A 30 -10.83 0.89 39.62
CA ARG A 30 -11.76 1.97 39.29
CA ARG A 30 -11.74 1.98 39.28
C ARG A 30 -11.03 3.26 38.92
C ARG A 30 -10.93 3.19 38.85
N VAL A 31 -11.30 3.76 37.71
CA VAL A 31 -10.53 4.87 37.15
C VAL A 31 -11.39 6.08 36.88
N LEU A 32 -10.93 7.26 37.28
CA LEU A 32 -11.54 8.51 36.86
C LEU A 32 -10.64 9.20 35.85
N VAL A 33 -11.18 9.44 34.65
CA VAL A 33 -10.48 10.16 33.58
C VAL A 33 -10.99 11.59 33.57
N ILE A 34 -10.09 12.53 33.78
N ILE A 34 -10.08 12.54 33.77
CA ILE A 34 -10.45 13.95 33.80
CA ILE A 34 -10.44 13.95 33.81
C ILE A 34 -9.99 14.62 32.50
C ILE A 34 -9.99 14.63 32.52
N GLU A 35 -10.95 15.17 31.76
CA GLU A 35 -10.66 15.74 30.44
C GLU A 35 -11.16 17.18 30.35
N ARG A 36 -10.27 18.12 30.04
CA ARG A 36 -10.66 19.54 30.03
C ARG A 36 -11.47 19.92 28.79
N ARG A 37 -11.32 19.19 27.69
CA ARG A 37 -12.09 19.43 26.45
C ARG A 37 -13.52 18.89 26.55
N PRO A 38 -14.38 19.28 25.60
CA PRO A 38 -15.77 18.78 25.70
C PRO A 38 -15.96 17.39 25.09
N HIS A 39 -14.88 16.75 24.65
CA HIS A 39 -14.95 15.43 24.01
C HIS A 39 -13.73 14.62 24.42
N ILE A 40 -13.80 13.29 24.34
CA ILE A 40 -12.59 12.49 24.58
C ILE A 40 -11.72 12.42 23.33
N GLY A 41 -10.52 11.84 23.48
CA GLY A 41 -9.69 11.52 22.32
C GLY A 41 -8.50 12.41 22.01
N GLY A 42 -8.40 13.54 22.69
CA GLY A 42 -7.36 14.50 22.40
C GLY A 42 -7.46 14.89 20.94
N ASN A 43 -6.32 14.97 20.26
CA ASN A 43 -6.35 15.46 18.90
C ASN A 43 -6.75 14.43 17.86
N ALA A 44 -6.99 13.19 18.29
CA ALA A 44 -7.41 12.16 17.36
C ALA A 44 -8.94 12.13 17.17
N TYR A 45 -9.64 12.99 17.90
CA TYR A 45 -11.10 13.02 17.85
C TYR A 45 -11.63 13.30 16.44
N SER A 46 -12.54 12.45 15.97
CA SER A 46 -13.17 12.62 14.65
C SER A 46 -14.65 12.94 14.77
N GLU A 47 -15.21 13.51 13.70
CA GLU A 47 -16.62 13.89 13.70
C GLU A 47 -17.08 14.04 12.27
N PRO A 48 -18.41 13.98 12.04
CA PRO A 48 -18.89 14.18 10.67
C PRO A 48 -19.01 15.66 10.34
N GLU A 49 -18.55 16.02 9.15
CA GLU A 49 -18.85 17.33 8.61
C GLU A 49 -20.35 17.28 8.24
N PRO A 50 -21.13 18.27 8.72
CA PRO A 50 -22.60 18.23 8.67
C PRO A 50 -23.19 18.20 7.26
N GLU A 51 -22.67 19.03 6.37
CA GLU A 51 -23.25 19.16 5.04
C GLU A 51 -23.04 17.90 4.19
N THR A 52 -21.86 17.30 4.27
CA THR A 52 -21.53 16.15 3.43
C THR A 52 -21.63 14.82 4.15
N GLY A 53 -21.54 14.86 5.47
CA GLY A 53 -21.58 13.65 6.27
C GLY A 53 -20.22 13.00 6.35
N ILE A 54 -19.23 13.59 5.69
CA ILE A 54 -17.89 12.99 5.61
C ILE A 54 -17.16 13.09 6.95
N GLU A 55 -16.58 11.97 7.40
CA GLU A 55 -15.85 11.97 8.68
C GLU A 55 -14.55 12.76 8.54
N VAL A 56 -14.36 13.75 9.40
CA VAL A 56 -13.15 14.55 9.37
C VAL A 56 -12.42 14.52 10.70
N HIS A 57 -11.15 14.95 10.69
CA HIS A 57 -10.33 15.09 11.88
C HIS A 57 -9.98 16.57 12.12
N LYS A 58 -10.77 17.35 12.85
N LYS A 58 -10.78 17.22 12.97
CA LYS A 58 -10.40 18.77 12.80
CA LYS A 58 -10.72 18.66 13.19
C LYS A 58 -9.46 19.21 13.93
C LYS A 58 -9.39 19.16 13.78
N TYR A 59 -8.69 18.28 14.48
CA TYR A 59 -7.48 18.68 15.20
C TYR A 59 -6.23 18.31 14.41
N GLY A 60 -6.42 17.86 13.17
CA GLY A 60 -5.32 17.47 12.32
C GLY A 60 -5.56 16.08 11.76
N ALA A 61 -5.16 15.83 10.51
CA ALA A 61 -5.36 14.51 9.90
C ALA A 61 -4.55 13.42 10.62
N HIS A 62 -5.22 12.29 10.90
CA HIS A 62 -4.59 11.20 11.64
C HIS A 62 -4.53 9.88 10.87
N LEU A 63 -3.31 9.35 10.70
CA LEU A 63 -3.11 8.13 9.95
C LEU A 63 -2.43 7.12 10.87
N PHE A 64 -3.04 5.95 11.08
CA PHE A 64 -2.51 5.00 12.04
C PHE A 64 -1.57 3.99 11.37
N HIS A 65 -0.45 3.70 12.04
CA HIS A 65 0.54 2.75 11.51
C HIS A 65 1.40 2.25 12.67
N THR A 66 1.82 0.99 12.62
CA THR A 66 2.71 0.48 13.66
C THR A 66 3.49 -0.72 13.13
N SER A 67 4.67 -0.98 13.70
CA SER A 67 5.39 -2.20 13.38
C SER A 67 5.45 -3.15 14.56
N ASN A 68 4.66 -2.84 15.60
CA ASN A 68 4.66 -3.65 16.82
C ASN A 68 3.38 -4.50 16.83
N LYS A 69 3.54 -5.81 16.71
CA LYS A 69 2.37 -6.70 16.63
C LYS A 69 1.55 -6.71 17.91
N ARG A 70 2.20 -6.52 19.05
CA ARG A 70 1.46 -6.44 20.30
C ARG A 70 0.53 -5.24 20.32
N VAL A 71 1.02 -4.10 19.85
CA VAL A 71 0.19 -2.89 19.76
C VAL A 71 -0.94 -3.11 18.76
N TRP A 72 -0.63 -3.71 17.61
CA TRP A 72 -1.64 -4.03 16.58
C TRP A 72 -2.74 -4.91 17.16
N ASP A 73 -2.35 -5.96 17.87
CA ASP A 73 -3.33 -6.89 18.40
C ASP A 73 -4.14 -6.20 19.50
N TYR A 74 -3.50 -5.32 20.25
CA TYR A 74 -4.18 -4.56 21.30
C TYR A 74 -5.26 -3.65 20.70
N VAL A 75 -4.91 -2.84 19.70
CA VAL A 75 -5.88 -1.86 19.23
C VAL A 75 -7.02 -2.53 18.48
N ARG A 76 -6.78 -3.72 17.93
CA ARG A 76 -7.83 -4.40 17.17
C ARG A 76 -8.92 -4.96 18.09
N GLN A 77 -8.71 -4.87 19.40
N GLN A 77 -8.72 -4.85 19.39
CA GLN A 77 -9.78 -5.20 20.35
CA GLN A 77 -9.77 -5.22 20.34
C GLN A 77 -10.90 -4.18 20.26
C GLN A 77 -10.84 -4.13 20.43
N PHE A 78 -10.57 -2.97 19.82
CA PHE A 78 -11.48 -1.83 19.89
C PHE A 78 -12.00 -1.33 18.55
N THR A 79 -11.40 -1.83 17.47
CA THR A 79 -11.77 -1.37 16.15
C THR A 79 -11.29 -2.37 15.12
N ASP A 80 -11.96 -2.42 13.97
CA ASP A 80 -11.39 -3.05 12.78
C ASP A 80 -10.65 -1.97 11.98
N PHE A 81 -9.78 -2.41 11.09
CA PHE A 81 -9.04 -1.50 10.21
C PHE A 81 -9.29 -1.81 8.75
N THR A 82 -9.39 -0.75 7.95
CA THR A 82 -9.43 -0.87 6.50
C THR A 82 -8.04 -1.24 5.98
N GLY A 83 -7.96 -1.53 4.68
CA GLY A 83 -6.68 -1.84 4.06
C GLY A 83 -5.98 -0.62 3.49
N TYR A 84 -6.42 0.56 3.91
CA TYR A 84 -5.80 1.83 3.50
C TYR A 84 -4.31 1.83 3.73
N GLN A 85 -3.56 2.33 2.74
CA GLN A 85 -2.13 2.57 2.89
C GLN A 85 -1.89 4.03 2.57
N HIS A 86 -1.19 4.72 3.45
CA HIS A 86 -1.00 6.15 3.27
C HIS A 86 -0.03 6.45 2.16
N ARG A 87 -0.42 7.36 1.27
CA ARG A 87 0.52 7.91 0.29
C ARG A 87 0.33 9.42 0.28
N VAL A 88 1.43 10.14 0.06
CA VAL A 88 1.44 11.60 0.07
C VAL A 88 2.03 12.09 -1.25
N PHE A 89 1.43 13.13 -1.84
CA PHE A 89 2.06 13.78 -3.00
C PHE A 89 2.48 15.19 -2.65
N ALA A 90 3.44 15.73 -3.41
CA ALA A 90 4.06 17.01 -3.07
C ALA A 90 3.94 17.98 -4.25
N MET A 91 3.37 19.15 -4.00
CA MET A 91 3.18 20.16 -5.05
C MET A 91 4.32 21.16 -5.05
N HIS A 92 5.02 21.24 -6.17
CA HIS A 92 6.20 22.11 -6.29
C HIS A 92 6.24 22.73 -7.68
N ASN A 93 6.30 24.06 -7.76
CA ASN A 93 6.34 24.76 -9.05
C ASN A 93 5.25 24.29 -10.03
N GLY A 94 4.06 24.04 -9.50
CA GLY A 94 2.90 23.75 -10.32
C GLY A 94 2.74 22.30 -10.74
N GLN A 95 3.66 21.45 -10.28
CA GLN A 95 3.66 20.03 -10.61
C GLN A 95 3.46 19.17 -9.37
N ALA A 96 2.75 18.08 -9.53
CA ALA A 96 2.55 17.12 -8.45
C ALA A 96 3.63 16.05 -8.52
N TYR A 97 4.34 15.85 -7.42
CA TYR A 97 5.40 14.86 -7.37
C TYR A 97 5.06 13.66 -6.50
N GLN A 98 5.42 12.48 -6.98
CA GLN A 98 5.52 11.31 -6.11
C GLN A 98 6.43 11.67 -4.94
N PHE A 99 6.13 11.09 -3.78
CA PHE A 99 6.76 11.49 -2.53
C PHE A 99 6.55 10.29 -1.59
N PRO A 100 7.46 10.04 -0.64
CA PRO A 100 8.70 10.77 -0.33
C PRO A 100 9.77 10.53 -1.37
N MET A 101 10.95 11.12 -1.17
N MET A 101 10.97 11.06 -1.10
CA MET A 101 12.00 11.05 -2.17
CA MET A 101 12.11 10.88 -1.99
C MET A 101 12.39 9.59 -2.43
C MET A 101 12.26 9.43 -2.38
N GLY A 102 12.24 9.17 -3.68
CA GLY A 102 12.40 7.80 -4.14
C GLY A 102 12.61 7.87 -5.65
N LEU A 103 12.59 6.74 -6.35
CA LEU A 103 12.88 6.78 -7.80
C LEU A 103 11.84 7.57 -8.58
N GLY A 104 10.60 7.60 -8.08
CA GLY A 104 9.55 8.38 -8.72
C GLY A 104 9.85 9.87 -8.70
N LEU A 105 10.10 10.42 -7.52
CA LEU A 105 10.41 11.83 -7.39
C LEU A 105 11.70 12.18 -8.16
N VAL A 106 12.70 11.32 -8.01
CA VAL A 106 14.00 11.53 -8.65
C VAL A 106 13.83 11.63 -10.17
N SER A 107 13.11 10.67 -10.73
N SER A 107 13.11 10.67 -10.73
CA SER A 107 12.91 10.69 -12.19
CA SER A 107 12.86 10.65 -12.17
C SER A 107 12.11 11.91 -12.66
C SER A 107 12.12 11.89 -12.64
N GLN A 108 11.03 12.21 -11.96
CA GLN A 108 10.22 13.41 -12.27
C GLN A 108 11.03 14.70 -12.21
N PHE A 109 11.77 14.85 -11.10
CA PHE A 109 12.43 16.11 -10.84
C PHE A 109 13.63 16.33 -11.73
N PHE A 110 14.44 15.30 -11.93
CA PHE A 110 15.66 15.45 -12.73
C PHE A 110 15.45 15.18 -14.22
N GLY A 111 14.23 14.76 -14.59
CA GLY A 111 13.82 14.81 -15.98
C GLY A 111 14.07 13.56 -16.83
N ARG A 112 14.44 12.46 -16.18
CA ARG A 112 14.57 11.19 -16.85
C ARG A 112 14.66 10.07 -15.84
N TYR A 113 14.52 8.83 -16.31
CA TYR A 113 14.64 7.67 -15.43
C TYR A 113 16.06 7.49 -14.88
N PHE A 114 16.14 7.31 -13.57
CA PHE A 114 17.36 6.89 -12.90
C PHE A 114 17.10 5.54 -12.27
N SER A 115 17.90 4.56 -12.65
CA SER A 115 17.89 3.24 -12.01
C SER A 115 18.31 3.36 -10.55
N PRO A 116 18.05 2.33 -9.75
CA PRO A 116 18.56 2.34 -8.36
C PRO A 116 20.03 2.74 -8.26
N ASP A 117 20.88 2.13 -9.06
CA ASP A 117 22.30 2.43 -9.01
C ASP A 117 22.60 3.86 -9.46
N GLU A 118 21.95 4.30 -10.53
N GLU A 118 21.97 4.33 -10.54
CA GLU A 118 22.16 5.64 -11.06
CA GLU A 118 22.25 5.69 -11.00
C GLU A 118 21.69 6.71 -10.05
C GLU A 118 21.71 6.72 -10.02
N ALA A 119 20.57 6.44 -9.39
CA ALA A 119 20.02 7.38 -8.42
C ALA A 119 20.90 7.44 -7.19
N ARG A 120 21.38 6.27 -6.73
CA ARG A 120 22.30 6.24 -5.60
C ARG A 120 23.53 7.09 -5.88
N ALA A 121 24.09 6.93 -7.08
CA ALA A 121 25.27 7.69 -7.47
C ALA A 121 24.97 9.19 -7.56
N LEU A 122 23.83 9.54 -8.15
CA LEU A 122 23.43 10.94 -8.29
C LEU A 122 23.31 11.64 -6.95
N ILE A 123 22.58 11.03 -6.03
CA ILE A 123 22.35 11.62 -4.72
C ILE A 123 23.67 11.71 -3.95
N ALA A 124 24.50 10.68 -4.08
CA ALA A 124 25.77 10.66 -3.37
C ALA A 124 26.61 11.87 -3.78
N GLU A 125 26.66 12.15 -5.09
N GLU A 125 26.56 12.22 -5.06
CA GLU A 125 27.60 13.15 -5.61
CA GLU A 125 27.17 13.48 -5.52
C GLU A 125 27.11 14.56 -5.36
C GLU A 125 26.63 14.67 -4.75
N GLN A 126 25.80 14.77 -5.47
N GLN A 126 25.30 14.71 -4.57
CA GLN A 126 25.22 16.07 -5.15
CA GLN A 126 24.63 15.88 -4.01
C GLN A 126 25.37 16.35 -3.66
C GLN A 126 24.47 15.84 -2.49
N ALA A 127 25.19 15.32 -2.84
N ALA A 127 24.74 14.67 -1.90
CA ALA A 127 25.36 15.46 -1.40
CA ALA A 127 24.69 14.54 -0.46
C ALA A 127 26.81 15.75 -1.04
C ALA A 127 26.10 14.66 0.11
N SER A 128 27.74 15.39 -1.92
N SER A 128 27.06 14.85 -0.78
CA SER A 128 29.17 15.56 -1.65
CA SER A 128 28.48 14.88 -0.42
C SER A 128 29.59 17.02 -1.56
C SER A 128 28.79 16.00 0.58
N GLU A 129 28.71 17.93 -1.99
N GLU A 129 29.07 15.57 1.81
CA GLU A 129 29.00 19.37 -1.96
CA GLU A 129 29.37 16.45 2.94
C GLU A 129 29.39 19.79 -0.54
C GLU A 129 29.48 15.55 4.17
N ILE A 130 28.70 19.25 0.45
N ILE A 130 30.56 14.77 4.23
CA ILE A 130 28.98 19.57 1.83
CA ILE A 130 30.70 13.68 5.18
C ILE A 130 29.27 18.28 2.60
C ILE A 130 29.57 12.67 4.90
N ASP A 131 30.31 18.31 3.42
N ASP A 131 28.60 12.55 5.82
CA ASP A 131 30.62 17.18 4.30
CA ASP A 131 27.33 11.86 5.56
C ASP A 131 29.76 17.26 5.55
C ASP A 131 26.42 11.80 6.80
N THR A 132 29.06 16.17 5.85
N THR A 132 25.58 10.77 6.83
CA THR A 132 28.05 16.16 6.91
CA THR A 132 24.44 10.68 7.75
C THR A 132 28.62 16.60 8.25
C THR A 132 24.80 10.58 9.22
N LYS A 133 29.87 16.23 8.50
N LYS A 133 25.65 9.63 9.57
CA LYS A 133 30.59 16.66 9.70
CA LYS A 133 25.94 9.33 10.97
C LYS A 133 30.68 18.18 9.81
C LYS A 133 26.70 10.45 11.68
N ASP A 134 30.98 18.83 8.68
N ASP A 134 27.10 11.47 10.93
CA ASP A 134 31.24 20.27 8.69
CA ASP A 134 27.81 12.60 11.50
C ASP A 134 29.97 21.12 8.61
C ASP A 134 26.95 13.86 11.50
N ALA A 135 28.81 20.47 8.53
N ALA A 135 25.67 13.72 11.19
CA ALA A 135 27.54 21.20 8.44
CA ALA A 135 24.78 14.86 11.14
C ALA A 135 27.33 22.09 9.65
C ALA A 135 24.44 15.35 12.55
N LYS A 136 27.04 23.37 9.42
N LYS A 136 24.43 16.67 12.73
CA LYS A 136 26.89 24.32 10.51
CA LYS A 136 24.17 17.28 14.04
C LYS A 136 25.42 24.60 10.87
C LYS A 136 22.72 17.76 14.16
N ASN A 137 24.50 23.99 10.12
N ASN A 137 22.07 18.03 13.03
CA ASN A 137 23.07 24.17 10.38
CA ASN A 137 20.72 18.59 13.07
C ASN A 137 22.20 23.20 9.60
C ASN A 137 19.85 18.17 11.88
N PHE A 138 20.87 23.33 9.77
N PHE A 138 18.66 18.76 11.80
CA PHE A 138 19.88 22.46 9.14
CA PHE A 138 17.69 18.43 10.74
C PHE A 138 20.05 22.40 7.63
C PHE A 138 18.22 18.78 9.35
N GLU A 139 20.19 23.58 7.02
N GLU A 139 18.90 19.91 9.23
CA GLU A 139 20.33 23.69 5.58
CA GLU A 139 19.48 20.32 7.95
C GLU A 139 21.55 22.92 5.08
C GLU A 139 20.46 19.30 7.43
N GLU A 140 22.71 23.17 5.69
N GLU A 140 21.48 19.01 8.24
CA GLU A 140 23.95 22.53 5.26
CA GLU A 140 22.54 18.09 7.88
C GLU A 140 23.90 21.04 5.48
C GLU A 140 22.01 16.69 7.60
N LYS A 141 23.23 20.62 6.56
N LYS A 141 21.11 16.22 8.44
CA LYS A 141 23.17 19.20 6.87
CA LYS A 141 20.56 14.88 8.28
C LYS A 141 22.21 18.49 5.92
C LYS A 141 19.74 14.79 6.99
N ALA A 142 21.09 19.14 5.59
N ALA A 142 18.92 15.81 6.74
CA ALA A 142 20.15 18.59 4.63
CA ALA A 142 18.08 15.84 5.55
C ALA A 142 20.82 18.43 3.26
C ALA A 142 18.92 15.85 4.27
N ILE A 143 21.54 19.47 2.84
N ILE A 143 19.90 16.75 4.20
CA ILE A 143 22.28 19.45 1.58
CA ILE A 143 20.75 16.85 3.01
C ILE A 143 23.29 18.30 1.57
C ILE A 143 21.51 15.56 2.78
N SER A 144 24.00 18.13 2.70
N SER A 144 22.01 14.97 3.87
CA SER A 144 25.03 17.10 2.80
CA SER A 144 22.79 13.74 3.79
C SER A 144 24.45 15.69 2.81
C SER A 144 21.98 12.55 3.29
N LEU A 145 23.12 15.58 2.90
N LEU A 145 20.65 12.67 3.33
CA LEU A 145 22.47 14.28 2.93
CA LEU A 145 19.77 11.58 2.94
C LEU A 145 21.72 13.94 1.64
C LEU A 145 19.12 11.78 1.56
N VAL A 146 21.02 14.92 1.07
N VAL A 146 18.74 13.01 1.21
CA VAL A 146 20.23 14.70 -0.14
CA VAL A 146 18.06 13.23 -0.06
C VAL A 146 20.69 15.51 -1.36
C VAL A 146 18.85 14.12 -1.03
N GLY A 147 21.66 16.40 -1.16
N GLY A 147 19.94 14.71 -0.55
CA GLY A 147 22.13 17.24 -2.25
CA GLY A 147 20.76 15.56 -1.40
C GLY A 147 21.35 18.54 -2.36
C GLY A 147 20.26 16.99 -1.41
N ARG A 148 21.94 19.55 -3.00
N ARG A 148 21.11 17.93 -1.81
CA ARG A 148 21.30 20.86 -3.08
CA ARG A 148 20.75 19.34 -1.68
C ARG A 148 19.99 20.91 -3.87
C ARG A 148 19.65 19.81 -2.64
N PRO A 149 19.90 20.25 -5.06
N PRO A 149 19.74 19.49 -3.95
CA PRO A 149 18.64 20.38 -5.79
CA PRO A 149 18.64 19.86 -4.86
C PRO A 149 17.41 19.87 -5.03
C PRO A 149 17.26 19.42 -4.39
N LEU A 150 17.49 18.67 -4.48
N LEU A 150 17.13 18.18 -3.94
CA LEU A 150 16.34 18.10 -3.76
CA LEU A 150 15.84 17.70 -3.45
C LEU A 150 16.04 18.91 -2.51
C LEU A 150 15.49 18.37 -2.11
N TYR A 151 17.09 19.36 -1.83
N TYR A 151 16.50 18.68 -1.33
CA TYR A 151 16.88 20.19 -0.64
CA TYR A 151 16.29 19.38 -0.07
C TYR A 151 16.13 21.46 -1.01
C TYR A 151 15.71 20.77 -0.32
N GLU A 152 16.65 22.21 -1.98
N GLU A 152 16.25 21.49 -1.31
CA GLU A 152 16.04 23.48 -2.34
CA GLU A 152 15.82 22.86 -1.57
C GLU A 152 14.62 23.32 -2.87
C GLU A 152 14.47 22.97 -2.29
N ALA A 153 14.28 22.12 -3.29
CA ALA A 153 12.97 21.92 -3.91
C ALA A 153 11.86 21.47 -2.95
N PHE A 154 12.16 20.50 -2.07
CA PHE A 154 11.08 19.83 -1.33
C PHE A 154 11.17 19.91 0.18
N ILE A 155 12.32 20.31 0.70
CA ILE A 155 12.46 20.37 2.17
C ILE A 155 12.55 21.80 2.66
N LYS A 156 13.37 22.62 2.00
CA LYS A 156 13.70 23.99 2.45
C LYS A 156 12.48 24.81 2.88
N HIS A 157 11.65 25.18 1.91
CA HIS A 157 10.53 26.07 2.17
C HIS A 157 9.36 25.40 2.91
N TYR A 158 9.19 24.09 2.75
CA TYR A 158 8.16 23.39 3.49
C TYR A 158 8.50 23.38 4.99
N THR A 159 9.78 23.17 5.27
CA THR A 159 10.30 23.19 6.64
C THR A 159 10.13 24.59 7.22
N ALA A 160 10.46 25.60 6.42
CA ALA A 160 10.30 26.99 6.84
C ALA A 160 8.87 27.29 7.24
N LYS A 161 7.90 26.85 6.44
CA LYS A 161 6.49 27.09 6.76
C LYS A 161 6.03 26.37 8.03
N GLN A 162 6.70 25.26 8.32
N GLN A 162 6.48 25.13 8.24
CA GLN A 162 6.47 24.56 9.57
CA GLN A 162 5.83 24.30 9.28
C GLN A 162 7.15 25.24 10.76
C GLN A 162 6.39 24.54 10.67
N TRP A 163 8.20 26.01 10.51
N TRP A 163 7.65 24.94 10.74
CA TRP A 163 8.94 26.61 11.62
CA TRP A 163 8.30 25.13 12.03
C TRP A 163 8.92 28.13 11.58
C TRP A 163 8.69 26.58 12.30
N GLN A 164 8.44 28.69 10.47
N GLN A 164 8.93 27.33 11.23
CA GLN A 164 8.32 30.14 10.29
CA GLN A 164 9.44 28.71 11.33
C GLN A 164 9.66 30.87 10.39
C GLN A 164 10.61 28.80 12.31
N THR A 165 10.74 30.15 10.14
N THR A 165 11.38 27.72 12.38
CA THR A 165 12.07 30.75 10.16
CA THR A 165 12.56 27.64 13.22
C THR A 165 12.97 30.17 9.08
C THR A 165 13.76 27.35 12.32
N ASP A 166 13.92 31.00 8.66
N ASP A 166 14.89 27.96 12.65
CA ASP A 166 14.95 30.63 7.70
CA ASP A 166 16.14 27.71 11.92
C ASP A 166 15.70 29.38 8.16
C ASP A 166 16.37 26.20 11.78
N PRO A 167 15.64 28.31 7.35
N PRO A 167 16.43 25.70 10.53
CA PRO A 167 16.32 27.05 7.69
CA PRO A 167 16.51 24.26 10.26
C PRO A 167 17.82 27.18 7.93
C PRO A 167 17.74 23.62 10.92
N LYS A 168 18.44 28.29 7.51
N LYS A 168 18.78 24.42 11.15
CA LYS A 168 19.84 28.51 7.82
CA LYS A 168 19.96 23.96 11.89
C LYS A 168 20.02 28.75 9.32
C LYS A 168 19.66 23.75 13.37
N ASP A 169 18.99 29.29 9.96
N ASP A 169 18.51 24.22 13.82
CA ASP A 169 19.07 29.61 11.39
CA ASP A 169 18.17 24.15 15.24
C ASP A 169 18.57 28.46 12.27
C ASP A 169 16.99 23.20 15.50
N LEU A 170 18.27 27.33 11.64
N LEU A 170 16.71 22.33 14.53
CA LEU A 170 17.80 26.16 12.37
CA LEU A 170 15.64 21.34 14.68
C LEU A 170 18.97 25.22 12.67
C LEU A 170 16.23 19.93 14.82
N PRO A 171 18.94 24.56 13.82
N PRO A 171 15.50 19.02 15.48
CA PRO A 171 20.05 23.67 14.21
CA PRO A 171 15.96 17.64 15.66
C PRO A 171 20.19 22.42 13.36
C PRO A 171 16.19 16.92 14.34
N ALA A 172 21.43 21.97 13.20
N ALA A 172 17.30 16.19 14.26
CA ALA A 172 21.73 20.77 12.44
CA ALA A 172 17.62 15.40 13.08
C ALA A 172 21.27 19.53 13.19
C ALA A 172 16.62 14.27 12.87
N SER A 173 21.11 19.67 14.50
N SER A 173 16.05 13.77 13.97
CA SER A 173 20.68 18.56 15.36
CA SER A 173 15.09 12.67 13.89
C SER A 173 19.30 18.03 14.99
C SER A 173 13.81 13.06 13.16
N ASN A 174 18.48 18.88 14.38
N ASN A 174 13.55 14.36 13.04
CA ASN A 174 17.11 18.53 14.01
CA ASN A 174 12.37 14.84 12.33
C ASN A 174 17.01 17.31 13.10
C ASN A 174 12.28 14.34 10.89
N ILE A 175 18.11 16.97 12.43
N ILE A 175 13.42 14.30 10.19
CA ILE A 175 18.12 15.87 11.48
CA ILE A 175 13.43 13.83 8.82
C ILE A 175 18.90 14.66 11.97
C ILE A 175 13.43 12.29 8.75
N THR A 176 18.28 13.49 11.91
N THR A 176 13.85 11.66 9.84
CA THR A 176 18.98 12.22 12.14
CA THR A 176 13.90 10.20 9.95
C THR A 176 19.15 11.52 10.82
C THR A 176 12.50 9.58 9.91
N ARG A 177 18.03 11.23 10.16
N ARG A 177 11.49 10.40 10.19
CA ARG A 177 18.04 10.62 8.84
CA ARG A 177 10.10 9.95 10.12
C ARG A 177 17.41 11.57 7.83
C ARG A 177 9.71 9.53 8.71
N LEU A 178 17.84 11.47 6.57
N LEU A 178 10.34 10.16 7.71
CA LEU A 178 17.17 12.13 5.46
CA LEU A 178 10.07 9.81 6.31
C LEU A 178 17.35 11.28 4.22
C LEU A 178 11.00 8.70 5.85
N PRO A 179 16.69 10.13 4.17
N PRO A 179 10.46 7.66 5.20
CA PRO A 179 16.96 9.18 3.10
CA PRO A 179 11.33 6.61 4.68
C PRO A 179 16.25 9.51 1.80
C PRO A 179 12.18 7.14 3.53
N VAL A 180 16.87 9.10 0.69
N VAL A 180 13.33 6.53 3.31
CA VAL A 180 16.18 8.98 -0.59
CA VAL A 180 14.23 6.98 2.25
C VAL A 180 15.95 7.50 -0.80
C VAL A 180 14.56 5.81 1.33
N ARG A 181 14.73 7.11 -1.17
N ARG A 181 14.20 5.95 0.04
CA ARG A 181 14.43 5.70 -1.35
CA ARG A 181 14.23 4.82 -0.88
C ARG A 181 14.99 5.26 -2.68
C ARG A 181 14.87 5.08 -2.28
N TYR A 182 15.54 4.05 -2.80
CA TYR A 182 16.08 3.82 -4.14
C TYR A 182 15.28 2.76 -4.90
N THR A 183 13.99 2.73 -4.59
CA THR A 183 13.00 1.95 -5.33
C THR A 183 11.83 2.87 -5.68
N PHE A 184 10.85 2.32 -6.40
CA PHE A 184 9.63 3.06 -6.73
C PHE A 184 8.56 2.96 -5.66
N ASP A 185 8.92 2.44 -4.49
CA ASP A 185 7.97 2.31 -3.38
C ASP A 185 7.65 3.70 -2.81
N ASN A 186 6.38 4.10 -2.88
CA ASN A 186 5.98 5.41 -2.35
C ASN A 186 4.96 5.27 -1.24
N ARG A 187 4.93 4.11 -0.59
N ARG A 187 4.98 4.10 -0.60
CA ARG A 187 4.06 3.98 0.59
CA ARG A 187 4.33 3.95 0.69
C ARG A 187 4.67 4.81 1.72
C ARG A 187 4.84 5.07 1.57
N TYR A 188 3.95 5.84 2.18
CA TYR A 188 4.48 6.93 3.01
C TYR A 188 5.12 6.44 4.29
N PHE A 189 4.53 5.43 4.93
CA PHE A 189 5.11 4.89 6.15
C PHE A 189 5.86 3.64 5.79
N ASN A 190 6.83 3.26 6.63
N ASN A 190 6.77 3.21 6.66
CA ASN A 190 7.49 1.97 6.44
CA ASN A 190 7.50 1.96 6.42
C ASN A 190 7.21 1.07 7.63
C ASN A 190 7.02 0.81 7.32
N ASP A 191 5.95 1.07 8.06
CA ASP A 191 5.49 0.17 9.11
C ASP A 191 4.69 -1.00 8.52
N THR A 192 4.73 -2.11 9.25
CA THR A 192 4.09 -3.35 8.85
C THR A 192 2.57 -3.28 8.80
N TYR A 193 2.00 -2.61 9.78
CA TYR A 193 0.56 -2.56 9.96
C TYR A 193 0.05 -1.14 9.77
N GLU A 194 -1.01 -0.98 8.99
CA GLU A 194 -1.67 0.32 8.97
C GLU A 194 -3.09 0.20 8.43
N GLY A 195 -3.84 1.28 8.55
CA GLY A 195 -5.18 1.32 8.01
C GLY A 195 -5.93 2.36 8.79
N LEU A 196 -7.15 2.68 8.36
CA LEU A 196 -8.01 3.56 9.13
C LEU A 196 -9.03 2.74 9.90
N PRO A 197 -9.42 3.25 11.08
CA PRO A 197 -10.47 2.55 11.85
C PRO A 197 -11.76 2.49 11.03
N VAL A 198 -12.37 1.32 10.91
CA VAL A 198 -13.52 1.17 10.01
C VAL A 198 -14.67 2.08 10.44
N GLU A 199 -14.94 2.16 11.75
CA GLU A 199 -16.01 3.04 12.24
C GLU A 199 -15.50 4.40 12.75
N GLY A 200 -14.27 4.75 12.38
CA GLY A 200 -13.73 6.05 12.70
C GLY A 200 -13.00 6.11 14.04
N TYR A 201 -12.21 7.15 14.23
CA TYR A 201 -11.40 7.27 15.46
C TYR A 201 -12.26 7.46 16.70
N THR A 202 -13.29 8.29 16.63
CA THR A 202 -14.09 8.53 17.82
C THR A 202 -14.75 7.26 18.36
N LYS A 203 -15.23 6.38 17.47
CA LYS A 203 -15.83 5.14 17.92
C LYS A 203 -14.80 4.22 18.58
N TRP A 204 -13.60 4.19 18.02
CA TRP A 204 -12.48 3.43 18.56
C TRP A 204 -12.18 3.93 19.95
N LEU A 205 -12.08 5.24 20.08
CA LEU A 205 -11.73 5.82 21.38
C LEU A 205 -12.83 5.58 22.41
N GLU A 206 -14.08 5.71 21.99
CA GLU A 206 -15.19 5.43 22.88
C GLU A 206 -15.17 3.98 23.36
N ASN A 207 -14.85 3.06 22.45
CA ASN A 207 -14.70 1.64 22.84
C ASN A 207 -13.58 1.46 23.86
N MET A 208 -12.48 2.20 23.75
CA MET A 208 -11.44 2.07 24.78
C MET A 208 -11.92 2.54 26.15
N ALA A 209 -12.85 3.49 26.17
CA ALA A 209 -13.34 4.05 27.44
C ALA A 209 -14.60 3.35 27.94
N ALA A 210 -14.99 2.25 27.30
CA ALA A 210 -16.33 1.68 27.56
C ALA A 210 -16.50 0.93 28.88
N ASP A 211 -15.42 0.38 29.43
CA ASP A 211 -15.57 -0.45 30.63
C ASP A 211 -16.27 0.30 31.76
N GLU A 212 -17.18 -0.37 32.47
CA GLU A 212 -17.96 0.31 33.49
C GLU A 212 -17.09 0.87 34.65
N ARG A 213 -15.88 0.34 34.79
N ARG A 213 -15.89 0.36 34.84
CA ARG A 213 -14.95 0.79 35.84
CA ARG A 213 -15.07 0.89 35.91
C ARG A 213 -14.20 2.06 35.45
C ARG A 213 -14.41 2.21 35.53
N ILE A 214 -14.45 2.55 34.24
CA ILE A 214 -13.90 3.84 33.81
C ILE A 214 -15.00 4.89 33.85
N GLU A 215 -14.76 5.96 34.60
CA GLU A 215 -15.68 7.09 34.61
C GLU A 215 -14.97 8.26 33.96
N VAL A 216 -15.65 9.00 33.09
CA VAL A 216 -15.01 10.13 32.40
C VAL A 216 -15.70 11.44 32.77
N ARG A 217 -14.93 12.47 33.08
N ARG A 217 -14.90 12.44 33.12
CA ARG A 217 -15.51 13.79 33.35
CA ARG A 217 -15.38 13.80 33.33
C ARG A 217 -15.00 14.83 32.36
C ARG A 217 -14.91 14.66 32.18
N LEU A 218 -15.85 15.20 31.43
CA LEU A 218 -15.51 16.14 30.36
C LEU A 218 -15.62 17.59 30.86
N ASP A 219 -15.07 18.52 30.07
CA ASP A 219 -15.14 19.94 30.40
C ASP A 219 -14.59 20.24 31.79
N THR A 220 -13.58 19.48 32.22
CA THR A 220 -13.12 19.57 33.59
C THR A 220 -11.61 19.69 33.63
N ASP A 221 -11.12 20.74 34.28
CA ASP A 221 -9.69 20.97 34.40
C ASP A 221 -9.19 20.32 35.68
N TRP A 222 -8.22 19.42 35.54
CA TRP A 222 -7.66 18.72 36.69
C TRP A 222 -7.27 19.67 37.83
N PHE A 223 -6.76 20.85 37.50
CA PHE A 223 -6.28 21.73 38.54
C PHE A 223 -7.41 22.38 39.34
N ASP A 224 -8.62 22.40 38.78
CA ASP A 224 -9.80 22.86 39.53
C ASP A 224 -10.32 21.81 40.52
N VAL A 225 -10.08 20.52 40.26
CA VAL A 225 -10.78 19.49 41.02
C VAL A 225 -9.87 18.56 41.85
N ARG A 226 -8.56 18.65 41.63
CA ARG A 226 -7.65 17.64 42.17
C ARG A 226 -7.58 17.57 43.70
N ASP A 227 -7.54 18.71 44.38
CA ASP A 227 -7.30 18.68 45.81
C ASP A 227 -8.37 17.89 46.54
N ASP A 228 -9.64 18.17 46.22
CA ASP A 228 -10.72 17.48 46.92
C ASP A 228 -10.90 16.05 46.40
N LEU A 229 -10.65 15.81 45.12
CA LEU A 229 -10.70 14.43 44.63
C LEU A 229 -9.61 13.57 45.28
N ARG A 230 -8.39 14.08 45.36
CA ARG A 230 -7.34 13.28 45.96
C ARG A 230 -7.55 13.13 47.46
N ALA A 231 -8.06 14.16 48.13
CA ALA A 231 -8.33 14.04 49.55
C ALA A 231 -9.33 12.92 49.82
N ALA A 232 -10.28 12.74 48.91
CA ALA A 232 -11.31 11.73 49.07
C ALA A 232 -10.82 10.34 48.66
N ASN A 233 -9.74 10.32 47.88
CA ASN A 233 -9.15 9.08 47.38
C ASN A 233 -7.64 9.12 47.50
N PRO A 234 -7.11 9.23 48.74
CA PRO A 234 -5.72 9.68 48.90
C PRO A 234 -4.63 8.74 48.36
N ASP A 235 -4.94 7.44 48.30
N ASP A 235 -4.88 7.44 48.27
CA ASP A 235 -4.01 6.40 47.85
CA ASP A 235 -3.79 6.58 47.79
C ASP A 235 -3.83 6.35 46.33
C ASP A 235 -3.91 6.21 46.32
N ALA A 236 -4.78 6.90 45.59
CA ALA A 236 -4.79 6.78 44.13
C ALA A 236 -3.65 7.57 43.49
N PRO A 237 -2.83 6.88 42.69
CA PRO A 237 -1.86 7.64 41.90
C PRO A 237 -2.55 8.40 40.77
N VAL A 238 -1.78 9.26 40.13
CA VAL A 238 -2.23 10.13 39.06
C VAL A 238 -1.34 9.89 37.86
N VAL A 239 -1.94 9.67 36.69
CA VAL A 239 -1.18 9.66 35.44
C VAL A 239 -1.57 10.92 34.70
N TYR A 240 -0.62 11.85 34.65
CA TYR A 240 -0.89 13.18 34.10
C TYR A 240 -0.40 13.26 32.65
N THR A 241 -1.29 13.56 31.72
CA THR A 241 -0.86 13.70 30.32
C THR A 241 -1.12 15.11 29.76
N GLY A 242 -1.28 16.07 30.66
CA GLY A 242 -1.36 17.47 30.28
C GLY A 242 0.03 18.07 30.11
N PRO A 243 0.10 19.39 29.90
CA PRO A 243 1.39 20.06 29.68
C PRO A 243 2.27 20.02 30.91
N LEU A 244 3.52 19.65 30.70
CA LEU A 244 4.50 19.52 31.76
C LEU A 244 4.80 20.86 32.46
N ASP A 245 4.93 21.93 31.68
CA ASP A 245 5.23 23.22 32.29
C ASP A 245 4.02 23.80 33.02
N ARG A 246 2.82 23.61 32.47
N ARG A 246 2.81 23.63 32.46
CA ARG A 246 1.59 24.07 33.11
CA ARG A 246 1.60 24.09 33.15
C ARG A 246 1.39 23.41 34.48
C ARG A 246 1.46 23.43 34.52
N TYR A 247 1.76 22.14 34.58
CA TYR A 247 1.64 21.41 35.83
C TYR A 247 2.32 22.15 36.98
N PHE A 248 3.52 22.67 36.71
CA PHE A 248 4.28 23.36 37.75
C PHE A 248 4.18 24.89 37.65
N ASP A 249 3.05 25.37 37.14
CA ASP A 249 2.77 26.82 37.03
C ASP A 249 3.82 27.57 36.23
N TYR A 250 4.40 26.91 35.23
CA TYR A 250 5.47 27.49 34.40
C TYR A 250 6.65 28.03 35.22
N ALA A 251 6.95 27.38 36.34
CA ALA A 251 7.96 27.89 37.26
C ALA A 251 9.36 27.89 36.67
N GLU A 252 9.61 27.02 35.70
CA GLU A 252 10.94 26.89 35.10
C GLU A 252 10.97 27.52 33.71
N GLY A 253 9.92 28.24 33.38
CA GLY A 253 9.83 28.84 32.06
C GLY A 253 8.80 28.12 31.20
N ARG A 254 8.61 28.63 29.99
N ARG A 254 8.60 28.59 29.98
CA ARG A 254 7.66 28.04 29.05
CA ARG A 254 7.59 28.01 29.11
C ARG A 254 8.37 27.20 28.01
C ARG A 254 8.22 27.26 27.94
N LEU A 255 7.84 26.00 27.77
CA LEU A 255 8.36 25.15 26.70
C LEU A 255 7.82 25.59 25.35
N GLY A 256 8.68 25.58 24.33
CA GLY A 256 8.27 26.02 23.00
C GLY A 256 7.57 24.96 22.17
N TRP A 257 6.42 25.31 21.61
CA TRP A 257 5.62 24.41 20.79
C TRP A 257 5.15 25.09 19.51
N ARG A 258 4.96 24.30 18.46
CA ARG A 258 4.24 24.74 17.27
C ARG A 258 2.78 24.37 17.42
N THR A 259 1.90 25.21 16.87
CA THR A 259 0.49 24.89 16.79
C THR A 259 0.08 24.88 15.31
N LEU A 260 -1.11 24.35 15.02
CA LEU A 260 -1.65 24.40 13.67
C LEU A 260 -3.02 25.07 13.65
N ASP A 261 -3.29 25.86 12.62
CA ASP A 261 -4.64 26.32 12.34
C ASP A 261 -5.19 25.53 11.16
N PHE A 262 -6.50 25.34 11.14
CA PHE A 262 -7.13 24.59 10.08
C PHE A 262 -8.27 25.40 9.49
N GLU A 263 -8.46 25.27 8.19
CA GLU A 263 -9.64 25.82 7.54
C GLU A 263 -10.35 24.71 6.82
N LEU A 264 -11.52 24.34 7.32
CA LEU A 264 -12.37 23.35 6.71
C LEU A 264 -13.22 24.03 5.65
N GLU A 265 -13.31 23.44 4.46
CA GLU A 265 -14.15 24.03 3.43
C GLU A 265 -14.87 22.95 2.63
N VAL A 266 -16.16 23.15 2.42
CA VAL A 266 -16.94 22.25 1.57
C VAL A 266 -17.01 22.78 0.14
N LEU A 267 -16.68 21.93 -0.82
CA LEU A 267 -16.59 22.35 -2.21
C LEU A 267 -17.63 21.62 -3.05
N GLU A 268 -18.13 22.28 -4.09
CA GLU A 268 -19.17 21.71 -4.93
C GLU A 268 -18.63 20.84 -6.06
N THR A 269 -17.63 20.03 -5.73
CA THR A 269 -17.12 19.02 -6.64
C THR A 269 -16.98 17.73 -5.84
N GLY A 270 -17.05 16.60 -6.54
CA GLY A 270 -16.94 15.31 -5.90
C GLY A 270 -15.51 14.99 -5.52
N ASP A 271 -14.54 15.69 -6.11
CA ASP A 271 -13.14 15.38 -5.87
C ASP A 271 -12.26 16.56 -6.18
N PHE A 272 -11.64 17.10 -5.15
CA PHE A 272 -10.78 18.27 -5.26
C PHE A 272 -9.34 17.98 -5.69
N GLN A 273 -8.74 16.91 -5.17
CA GLN A 273 -7.33 16.67 -5.51
C GLN A 273 -6.96 15.18 -5.73
N GLY A 274 -7.94 14.29 -5.65
CA GLY A 274 -7.77 12.92 -6.07
C GLY A 274 -6.81 12.12 -5.19
N THR A 275 -6.58 12.62 -3.99
CA THR A 275 -5.65 11.96 -3.07
C THR A 275 -5.88 12.52 -1.66
N PRO A 276 -5.60 11.73 -0.61
CA PRO A 276 -5.94 12.23 0.73
C PRO A 276 -5.17 13.46 1.19
N VAL A 277 -3.88 13.53 0.88
CA VAL A 277 -3.02 14.59 1.39
C VAL A 277 -2.06 15.09 0.33
N MET A 278 -2.10 16.40 0.10
CA MET A 278 -1.20 17.06 -0.83
C MET A 278 -0.35 18.04 -0.04
N ASN A 279 0.96 17.82 0.01
CA ASN A 279 1.85 18.79 0.60
C ASN A 279 2.05 19.93 -0.37
N TYR A 280 2.21 21.13 0.16
CA TYR A 280 2.54 22.30 -0.67
C TYR A 280 3.90 22.81 -0.26
N ASN A 281 4.89 22.54 -1.11
CA ASN A 281 6.27 22.76 -0.72
C ASN A 281 6.77 24.18 -0.96
N ASP A 282 5.95 25.04 -1.56
CA ASP A 282 6.39 26.37 -1.99
C ASP A 282 5.90 27.51 -1.10
N LEU A 283 6.63 28.62 -1.11
CA LEU A 283 6.28 29.76 -0.27
C LEU A 283 5.08 30.57 -0.78
N ASP A 284 4.64 30.30 -2.00
CA ASP A 284 3.60 31.15 -2.60
C ASP A 284 2.19 30.78 -2.16
N VAL A 285 2.06 29.74 -1.35
CA VAL A 285 0.80 29.48 -0.63
C VAL A 285 1.12 29.36 0.87
N PRO A 286 0.24 29.90 1.72
CA PRO A 286 0.53 29.99 3.16
C PRO A 286 0.35 28.67 3.93
N TYR A 287 -0.44 27.75 3.38
CA TYR A 287 -0.67 26.46 4.04
C TYR A 287 0.41 25.44 3.70
N THR A 288 0.63 24.49 4.60
CA THR A 288 1.62 23.46 4.37
C THR A 288 1.02 22.28 3.61
N ARG A 289 -0.25 21.99 3.88
CA ARG A 289 -0.88 20.81 3.30
C ARG A 289 -2.37 21.02 3.08
N ILE A 290 -2.96 20.24 2.18
CA ILE A 290 -4.40 20.16 2.10
C ILE A 290 -4.85 18.73 2.24
N HIS A 291 -5.77 18.50 3.17
CA HIS A 291 -6.36 17.18 3.39
C HIS A 291 -7.71 17.07 2.70
N GLU A 292 -7.98 15.96 2.05
CA GLU A 292 -9.31 15.73 1.49
C GLU A 292 -9.87 14.43 2.07
N PHE A 293 -10.75 14.58 3.04
CA PHE A 293 -11.12 13.44 3.88
C PHE A 293 -11.93 12.32 3.24
N ARG A 294 -12.61 12.57 2.11
CA ARG A 294 -13.33 11.47 1.49
C ARG A 294 -12.37 10.33 1.11
N HIS A 295 -11.13 10.68 0.78
CA HIS A 295 -10.15 9.71 0.32
C HIS A 295 -9.56 8.87 1.46
N PHE A 296 -9.85 9.23 2.70
CA PHE A 296 -9.44 8.43 3.86
C PHE A 296 -10.35 7.19 3.95
N HIS A 297 -11.55 7.29 3.37
CA HIS A 297 -12.51 6.19 3.44
C HIS A 297 -13.22 5.94 2.12
N PRO A 298 -12.50 5.40 1.13
CA PRO A 298 -13.09 5.10 -0.19
C PRO A 298 -14.19 4.07 -0.09
N GLU A 299 -14.14 3.26 0.97
CA GLU A 299 -15.08 2.16 1.13
C GLU A 299 -16.47 2.66 1.54
N ARG A 300 -16.56 3.93 1.92
CA ARG A 300 -17.85 4.51 2.33
C ARG A 300 -18.59 5.15 1.15
N THR A 301 -19.90 5.28 1.32
CA THR A 301 -20.74 5.93 0.32
C THR A 301 -20.86 7.41 0.65
N TYR A 302 -19.95 8.19 0.09
CA TYR A 302 -19.92 9.61 0.31
C TYR A 302 -20.61 10.29 -0.88
N PRO A 303 -21.00 11.56 -0.75
CA PRO A 303 -21.63 12.26 -1.87
C PRO A 303 -20.79 12.28 -3.15
N THR A 304 -21.45 12.21 -4.30
CA THR A 304 -20.75 12.18 -5.58
C THR A 304 -20.38 13.58 -6.06
N ASP A 305 -20.96 14.61 -5.44
CA ASP A 305 -20.89 15.95 -5.99
C ASP A 305 -20.39 17.00 -5.00
N LYS A 306 -19.96 16.59 -3.82
CA LYS A 306 -19.41 17.52 -2.83
C LYS A 306 -18.20 16.86 -2.16
N THR A 307 -17.35 17.68 -1.58
CA THR A 307 -16.19 17.15 -0.85
C THR A 307 -15.78 18.15 0.21
N VAL A 308 -15.18 17.65 1.29
CA VAL A 308 -14.67 18.56 2.30
C VAL A 308 -13.14 18.53 2.31
N ILE A 309 -12.54 19.70 2.20
CA ILE A 309 -11.10 19.77 2.28
C ILE A 309 -10.70 20.56 3.53
N MET A 310 -9.46 20.42 3.93
CA MET A 310 -8.95 21.13 5.09
C MET A 310 -7.55 21.62 4.82
N ARG A 311 -7.40 22.95 4.81
CA ARG A 311 -6.11 23.57 4.70
C ARG A 311 -5.44 23.65 6.06
N GLU A 312 -4.14 23.37 6.07
CA GLU A 312 -3.38 23.34 7.31
C GLU A 312 -2.34 24.44 7.35
N TYR A 313 -2.34 25.23 8.42
CA TYR A 313 -1.40 26.33 8.62
C TYR A 313 -0.63 26.16 9.91
N SER A 314 0.67 26.44 9.88
CA SER A 314 1.52 26.26 11.04
C SER A 314 2.06 27.58 11.59
N ARG A 315 2.08 27.69 12.92
N ARG A 315 2.03 27.71 12.91
CA ARG A 315 2.70 28.84 13.58
CA ARG A 315 2.58 28.87 13.58
C ARG A 315 3.12 28.49 15.00
C ARG A 315 2.96 28.51 15.01
N PHE A 316 3.73 29.46 15.68
N PHE A 316 3.71 29.38 15.66
CA PHE A 316 4.09 29.30 17.09
CA PHE A 316 4.09 29.17 17.05
C PHE A 316 2.84 29.18 17.94
C PHE A 316 2.88 29.18 17.94
N ALA A 317 2.87 28.30 18.94
CA ALA A 317 1.75 28.17 19.85
C ALA A 317 1.87 29.29 20.87
N ASP A 318 0.98 30.27 20.74
CA ASP A 318 0.88 31.35 21.72
C ASP A 318 0.08 30.85 22.91
N ASN A 319 -0.07 31.68 23.93
CA ASN A 319 -0.61 31.23 25.21
C ASN A 319 -2.01 30.59 25.11
N ASP A 320 -2.82 31.05 24.15
CA ASP A 320 -4.17 30.51 24.01
C ASP A 320 -4.29 29.46 22.92
N ASP A 321 -3.15 28.99 22.41
CA ASP A 321 -3.14 27.99 21.35
C ASP A 321 -2.98 26.58 21.88
N GLU A 322 -3.38 25.61 21.06
CA GLU A 322 -3.16 24.20 21.37
C GLU A 322 -1.75 23.80 20.96
N PRO A 323 -0.98 23.25 21.90
CA PRO A 323 0.38 22.82 21.51
C PRO A 323 0.33 21.51 20.73
N TYR A 324 0.98 21.47 19.57
CA TYR A 324 0.97 20.26 18.74
C TYR A 324 2.35 19.60 18.63
N TYR A 325 3.38 20.39 18.34
CA TYR A 325 4.72 19.84 18.16
C TYR A 325 5.78 20.56 19.01
N PRO A 326 6.60 19.80 19.77
CA PRO A 326 7.70 20.43 20.53
C PRO A 326 8.80 21.04 19.65
N ILE A 327 9.25 22.25 19.97
CA ILE A 327 10.27 22.93 19.17
C ILE A 327 11.69 22.44 19.50
N ASN A 328 11.94 22.19 20.79
CA ASN A 328 13.23 21.67 21.24
C ASN A 328 14.46 22.52 20.90
N THR A 329 14.41 23.82 21.20
CA THR A 329 15.63 24.63 21.17
C THR A 329 16.50 24.24 22.36
N GLU A 330 17.73 24.73 22.41
CA GLU A 330 18.61 24.39 23.53
C GLU A 330 18.03 24.97 24.81
N ALA A 331 17.45 26.16 24.70
CA ALA A 331 16.78 26.76 25.85
C ALA A 331 15.61 25.88 26.27
N ASP A 332 14.92 25.31 25.29
CA ASP A 332 13.81 24.38 25.55
C ASP A 332 14.28 23.10 26.25
N ARG A 333 15.33 22.49 25.71
CA ARG A 333 15.85 21.26 26.29
C ARG A 333 16.35 21.52 27.70
N ALA A 334 16.85 22.73 27.94
CA ALA A 334 17.27 23.11 29.27
C ALA A 334 16.07 23.27 30.19
N VAL A 335 15.04 23.93 29.68
CA VAL A 335 13.80 24.09 30.43
C VAL A 335 13.18 22.73 30.70
N LEU A 336 13.22 21.87 29.70
CA LEU A 336 12.73 20.50 29.85
C LEU A 336 13.49 19.78 30.95
N ALA A 337 14.81 19.91 30.95
CA ALA A 337 15.63 19.28 31.98
C ALA A 337 15.18 19.68 33.39
N ALA A 338 14.91 20.96 33.58
CA ALA A 338 14.48 21.46 34.89
C ALA A 338 13.13 20.88 35.28
N TYR A 339 12.23 20.76 34.31
CA TYR A 339 10.90 20.20 34.59
C TYR A 339 10.96 18.69 34.81
N ARG A 340 11.87 18.02 34.13
CA ARG A 340 12.04 16.58 34.33
C ARG A 340 12.46 16.31 35.76
N ALA A 341 13.30 17.17 36.32
CA ALA A 341 13.71 17.04 37.71
C ALA A 341 12.50 17.28 38.63
N ARG A 342 11.72 18.31 38.32
CA ARG A 342 10.48 18.59 39.05
C ARG A 342 9.53 17.40 38.99
N ALA A 343 9.38 16.83 37.80
CA ALA A 343 8.49 15.68 37.61
C ALA A 343 8.91 14.46 38.43
N LYS A 344 10.20 14.14 38.41
CA LYS A 344 10.66 12.99 39.19
C LYS A 344 10.42 13.20 40.68
N ALA A 345 10.58 14.43 41.14
CA ALA A 345 10.37 14.71 42.56
C ALA A 345 8.88 14.58 42.90
N GLU A 346 8.03 14.98 41.96
CA GLU A 346 6.59 14.91 42.16
C GLU A 346 6.11 13.45 42.14
N THR A 347 6.75 12.62 41.34
CA THR A 347 6.43 11.19 41.36
C THR A 347 6.70 10.63 42.75
N ALA A 348 7.84 11.01 43.31
CA ALA A 348 8.24 10.52 44.62
C ALA A 348 7.35 11.03 45.74
N SER A 349 6.97 12.30 45.69
CA SER A 349 6.21 12.90 46.80
C SER A 349 4.70 12.80 46.65
N ALA A 350 4.20 12.79 45.40
CA ALA A 350 2.76 12.90 45.17
C ALA A 350 2.18 11.75 44.33
N LYS A 351 3.01 10.77 43.97
CA LYS A 351 2.57 9.63 43.18
C LYS A 351 1.93 10.05 41.86
N VAL A 352 2.53 11.07 41.23
CA VAL A 352 2.09 11.52 39.92
C VAL A 352 3.07 11.07 38.85
N LEU A 353 2.59 10.29 37.88
CA LEU A 353 3.37 9.92 36.71
C LEU A 353 3.08 10.86 35.55
N PHE A 354 4.09 11.08 34.72
CA PHE A 354 3.96 11.98 33.58
C PHE A 354 4.11 11.21 32.30
N GLY A 355 3.14 11.35 31.40
CA GLY A 355 3.16 10.58 30.18
C GLY A 355 2.54 11.31 29.01
N GLY A 356 2.74 10.75 27.83
CA GLY A 356 2.11 11.23 26.62
C GLY A 356 2.87 12.37 26.02
N ARG A 357 2.39 12.83 24.87
CA ARG A 357 2.96 13.92 24.09
C ARG A 357 3.17 15.18 24.92
N LEU A 358 2.10 15.69 25.54
CA LEU A 358 2.21 16.91 26.34
C LEU A 358 2.96 16.69 27.66
N GLY A 359 2.77 15.52 28.26
CA GLY A 359 3.35 15.25 29.56
C GLY A 359 4.86 15.06 29.54
N THR A 360 5.39 14.75 28.37
CA THR A 360 6.83 14.48 28.26
C THR A 360 7.56 15.40 27.27
N TYR A 361 6.82 16.33 26.67
CA TYR A 361 7.37 17.26 25.67
C TYR A 361 8.01 16.48 24.52
N GLN A 362 7.24 15.59 23.95
CA GLN A 362 7.78 14.68 22.96
C GLN A 362 6.74 14.43 21.89
N TYR A 363 7.09 14.63 20.63
N TYR A 363 7.22 14.41 20.63
CA TYR A 363 6.04 14.31 19.70
CA TYR A 363 6.53 14.09 19.36
C TYR A 363 5.95 12.80 19.74
C TYR A 363 5.94 12.66 19.25
N LEU A 364 4.72 12.37 19.72
CA LEU A 364 4.35 10.96 19.72
C LEU A 364 3.22 10.71 18.73
N ASP A 365 3.47 9.83 17.76
CA ASP A 365 2.39 9.28 16.95
C ASP A 365 1.46 8.45 17.85
N MET A 366 0.27 8.15 17.35
CA MET A 366 -0.68 7.34 18.12
C MET A 366 -0.05 6.02 18.57
N HIS A 367 0.61 5.32 17.66
CA HIS A 367 1.11 4.00 18.01
C HIS A 367 2.26 4.10 19.02
N MET A 368 3.00 5.21 18.95
N MET A 368 3.01 5.19 18.99
CA MET A 368 4.07 5.49 19.91
CA MET A 368 4.08 5.35 19.97
C MET A 368 3.47 5.75 21.29
C MET A 368 3.51 5.78 21.32
N ALA A 369 2.41 6.54 21.32
CA ALA A 369 1.74 6.86 22.57
C ALA A 369 1.17 5.59 23.23
N ILE A 370 0.57 4.73 22.41
CA ILE A 370 -0.04 3.49 22.92
C ILE A 370 1.06 2.56 23.43
N ALA A 371 2.15 2.43 22.68
CA ALA A 371 3.28 1.62 23.12
C ALA A 371 3.87 2.15 24.42
N SER A 372 3.98 3.47 24.53
CA SER A 372 4.56 4.09 25.73
C SER A 372 3.69 3.81 26.95
N ALA A 373 2.37 3.88 26.74
CA ALA A 373 1.42 3.64 27.80
C ALA A 373 1.47 2.15 28.23
N LEU A 374 1.55 1.25 27.26
CA LEU A 374 1.62 -0.17 27.61
C LEU A 374 2.88 -0.44 28.41
N SER A 375 3.98 0.23 28.03
CA SER A 375 5.23 0.05 28.76
C SER A 375 5.14 0.63 30.19
N MET A 376 4.61 1.84 30.32
CA MET A 376 4.39 2.42 31.63
C MET A 376 3.52 1.49 32.47
N PHE A 377 2.51 0.89 31.84
CA PHE A 377 1.62 0.00 32.58
C PHE A 377 2.39 -1.23 33.09
N ASP A 378 3.09 -1.90 32.18
CA ASP A 378 3.77 -3.14 32.54
C ASP A 378 4.87 -2.93 33.58
N ASN A 379 5.62 -1.83 33.44
CA ASN A 379 6.85 -1.67 34.21
C ASN A 379 6.67 -0.91 35.52
N VAL A 380 5.65 -0.05 35.58
CA VAL A 380 5.55 0.92 36.67
C VAL A 380 4.17 0.92 37.32
N LEU A 381 3.14 1.24 36.54
CA LEU A 381 1.82 1.43 37.14
C LEU A 381 1.14 0.12 37.58
N ALA A 382 1.16 -0.92 36.75
CA ALA A 382 0.45 -2.14 37.12
C ALA A 382 1.13 -2.82 38.33
N PRO A 383 2.47 -2.91 38.35
CA PRO A 383 3.03 -3.48 39.60
C PRO A 383 2.69 -2.61 40.82
N HIS A 384 2.63 -1.29 40.65
CA HIS A 384 2.22 -0.44 41.75
C HIS A 384 0.79 -0.72 42.21
N LEU A 385 -0.14 -0.74 41.26
CA LEU A 385 -1.54 -0.94 41.62
C LEU A 385 -1.83 -2.33 42.16
N SER A 386 -1.13 -3.33 41.62
CA SER A 386 -1.35 -4.74 41.97
C SER A 386 -0.59 -5.20 43.20
N GLU A 387 0.62 -4.69 43.41
CA GLU A 387 1.50 -5.19 44.48
C GLU A 387 2.05 -4.11 45.41
N GLY A 388 1.71 -2.85 45.18
CA GLY A 388 2.22 -1.78 46.01
C GLY A 388 3.67 -1.43 45.72
N ALA A 389 4.15 -1.80 44.54
CA ALA A 389 5.52 -1.49 44.13
C ALA A 389 5.74 0.03 44.00
N SER A 390 6.99 0.44 44.13
CA SER A 390 7.35 1.85 44.03
C SER A 390 7.15 2.39 42.61
N LEU A 391 6.72 3.65 42.52
CA LEU A 391 6.57 4.30 41.24
C LEU A 391 7.89 4.93 40.76
N VAL A 392 8.88 4.96 41.66
CA VAL A 392 10.17 5.56 41.35
C VAL A 392 11.00 4.62 40.46
N THR A 393 11.57 5.18 39.39
CA THR A 393 12.42 4.42 38.48
C THR A 393 13.71 5.17 38.19
N GLU A 394 14.64 4.49 37.52
CA GLU A 394 15.94 5.03 37.08
C GLU A 394 16.56 6.02 38.05
N THR B 2 -3.74 -47.66 -18.84
CA THR B 2 -3.72 -47.89 -17.40
C THR B 2 -5.07 -47.56 -16.78
N GLY B 3 -5.31 -48.05 -15.57
CA GLY B 3 -6.54 -47.80 -14.84
C GLY B 3 -6.32 -47.98 -13.34
N ASN B 4 -7.33 -47.67 -12.54
CA ASN B 4 -8.62 -47.19 -13.04
C ASN B 4 -8.85 -45.71 -12.74
N PHE B 5 -9.48 -45.02 -13.66
CA PHE B 5 -9.73 -43.59 -13.50
C PHE B 5 -11.18 -43.25 -13.78
N ASP B 6 -11.70 -42.29 -13.03
CA ASP B 6 -13.07 -41.80 -13.20
C ASP B 6 -13.13 -40.56 -14.10
N LEU B 7 -11.99 -39.91 -14.31
CA LEU B 7 -11.95 -38.64 -15.05
C LEU B 7 -10.56 -38.39 -15.60
N PHE B 8 -10.48 -37.92 -16.83
CA PHE B 8 -9.21 -37.49 -17.41
C PHE B 8 -9.20 -35.97 -17.53
N VAL B 9 -8.09 -35.36 -17.15
CA VAL B 9 -7.90 -33.93 -17.36
C VAL B 9 -6.65 -33.71 -18.18
N VAL B 10 -6.80 -33.00 -19.30
CA VAL B 10 -5.67 -32.66 -20.16
C VAL B 10 -5.18 -31.25 -19.85
N GLY B 11 -3.98 -31.17 -19.29
CA GLY B 11 -3.36 -29.91 -18.94
C GLY B 11 -3.42 -29.68 -17.44
N SER B 12 -2.32 -29.20 -16.88
CA SER B 12 -2.19 -29.06 -15.44
C SER B 12 -2.03 -27.61 -15.02
N GLY B 13 -2.65 -26.71 -15.78
CA GLY B 13 -2.74 -25.30 -15.41
C GLY B 13 -3.83 -25.12 -14.36
N PHE B 14 -4.09 -23.88 -13.95
CA PHE B 14 -5.10 -23.65 -12.93
C PHE B 14 -6.49 -24.17 -13.33
N PHE B 15 -6.85 -24.15 -14.61
CA PHE B 15 -8.16 -24.70 -14.96
C PHE B 15 -8.18 -26.20 -14.70
N GLY B 16 -7.21 -26.92 -15.26
CA GLY B 16 -7.17 -28.37 -15.14
C GLY B 16 -7.08 -28.79 -13.68
N LEU B 17 -6.24 -28.12 -12.91
CA LEU B 17 -6.03 -28.56 -11.53
C LEU B 17 -7.22 -28.22 -10.64
N THR B 18 -7.96 -27.16 -10.98
CA THR B 18 -9.18 -26.86 -10.24
C THR B 18 -10.18 -28.00 -10.44
N ILE B 19 -10.34 -28.42 -11.69
CA ILE B 19 -11.23 -29.56 -11.99
C ILE B 19 -10.77 -30.84 -11.28
N ALA B 20 -9.48 -31.15 -11.37
CA ALA B 20 -8.93 -32.36 -10.76
C ALA B 20 -9.15 -32.37 -9.26
N GLU B 21 -8.77 -31.28 -8.62
CA GLU B 21 -8.93 -31.18 -7.16
C GLU B 21 -10.39 -31.31 -6.76
N ARG B 22 -11.30 -30.66 -7.48
CA ARG B 22 -12.72 -30.72 -7.12
C ARG B 22 -13.27 -32.14 -7.24
N ALA B 23 -12.97 -32.81 -8.34
CA ALA B 23 -13.50 -34.16 -8.54
C ALA B 23 -12.94 -35.13 -7.49
N ALA B 24 -11.67 -34.97 -7.17
CA ALA B 24 -11.02 -35.87 -6.21
C ALA B 24 -11.56 -35.64 -4.80
N THR B 25 -11.56 -34.39 -4.34
CA THR B 25 -11.92 -34.16 -2.95
C THR B 25 -13.43 -34.14 -2.70
N GLN B 26 -14.20 -33.56 -3.62
CA GLN B 26 -15.62 -33.36 -3.36
C GLN B 26 -16.46 -34.57 -3.74
N LEU B 27 -15.91 -35.47 -4.55
CA LEU B 27 -16.65 -36.66 -4.98
C LEU B 27 -15.88 -37.96 -4.78
N GLY B 28 -14.60 -37.87 -4.42
CA GLY B 28 -13.80 -39.07 -4.20
C GLY B 28 -13.46 -39.76 -5.50
N LYS B 29 -13.44 -39.01 -6.61
CA LYS B 29 -13.16 -39.59 -7.92
C LYS B 29 -11.67 -39.74 -8.21
N ARG B 30 -11.33 -40.79 -8.97
CA ARG B 30 -9.95 -41.03 -9.38
C ARG B 30 -9.66 -40.24 -10.64
N VAL B 31 -8.67 -39.35 -10.55
CA VAL B 31 -8.38 -38.45 -11.65
C VAL B 31 -6.98 -38.67 -12.23
N LEU B 32 -6.90 -38.75 -13.55
CA LEU B 32 -5.61 -38.73 -14.22
C LEU B 32 -5.43 -37.39 -14.94
N VAL B 33 -4.35 -36.69 -14.58
CA VAL B 33 -4.00 -35.44 -15.23
C VAL B 33 -2.84 -35.68 -16.19
N ILE B 34 -3.08 -35.44 -17.47
CA ILE B 34 -2.07 -35.64 -18.51
C ILE B 34 -1.44 -34.29 -18.90
N GLU B 35 -0.14 -34.13 -18.65
CA GLU B 35 0.57 -32.89 -18.94
C GLU B 35 1.71 -33.12 -19.94
N ARG B 36 1.68 -32.39 -21.05
CA ARG B 36 2.70 -32.59 -22.08
C ARG B 36 4.05 -31.96 -21.71
N ARG B 37 4.01 -30.87 -20.96
CA ARG B 37 5.25 -30.21 -20.51
C ARG B 37 5.97 -31.04 -19.45
N PRO B 38 7.25 -30.73 -19.20
CA PRO B 38 7.96 -31.46 -18.14
C PRO B 38 7.65 -30.94 -16.74
N HIS B 39 6.77 -29.95 -16.64
CA HIS B 39 6.39 -29.41 -15.34
C HIS B 39 4.89 -29.19 -15.24
N ILE B 40 4.44 -28.99 -14.01
CA ILE B 40 3.04 -28.73 -13.73
C ILE B 40 2.75 -27.23 -13.87
N GLY B 41 1.48 -26.85 -13.93
CA GLY B 41 1.09 -25.48 -13.71
C GLY B 41 0.82 -24.58 -14.90
N GLY B 42 1.03 -25.08 -16.11
CA GLY B 42 0.82 -24.26 -17.28
C GLY B 42 1.72 -23.04 -17.24
N ASN B 43 1.19 -21.90 -17.67
CA ASN B 43 2.01 -20.71 -17.71
C ASN B 43 2.24 -20.06 -16.33
N ALA B 44 1.66 -20.62 -15.27
CA ALA B 44 1.82 -20.07 -13.93
C ALA B 44 2.98 -20.71 -13.16
N TYR B 45 3.69 -21.61 -13.83
CA TYR B 45 4.74 -22.35 -13.19
C TYR B 45 5.92 -21.46 -12.76
N SER B 46 6.39 -21.69 -11.53
CA SER B 46 7.52 -20.95 -11.00
C SER B 46 8.67 -21.89 -10.61
N GLU B 47 9.88 -21.36 -10.57
CA GLU B 47 11.06 -22.16 -10.23
C GLU B 47 12.18 -21.28 -9.74
N PRO B 48 13.10 -21.85 -8.96
CA PRO B 48 14.19 -21.01 -8.47
C PRO B 48 15.26 -20.80 -9.52
N GLU B 49 15.79 -19.59 -9.58
CA GLU B 49 16.99 -19.34 -10.36
C GLU B 49 18.15 -19.86 -9.52
N PRO B 50 18.97 -20.77 -10.10
CA PRO B 50 19.97 -21.54 -9.34
C PRO B 50 21.02 -20.67 -8.65
N GLU B 51 21.49 -19.64 -9.33
CA GLU B 51 22.56 -18.82 -8.80
C GLU B 51 22.14 -18.03 -7.57
N THR B 52 20.96 -17.41 -7.65
CA THR B 52 20.51 -16.49 -6.63
C THR B 52 19.51 -17.11 -5.68
N GLY B 53 18.87 -18.19 -6.12
CA GLY B 53 17.80 -18.81 -5.35
C GLY B 53 16.50 -18.04 -5.41
N ILE B 54 16.45 -17.02 -6.26
CA ILE B 54 15.24 -16.19 -6.38
C ILE B 54 14.17 -16.94 -7.19
N GLU B 55 12.93 -16.94 -6.68
CA GLU B 55 11.87 -17.61 -7.41
C GLU B 55 11.43 -16.80 -8.63
N VAL B 56 11.47 -17.47 -9.78
CA VAL B 56 11.14 -16.86 -11.06
C VAL B 56 9.83 -17.43 -11.60
N HIS B 57 9.01 -16.58 -12.20
CA HIS B 57 7.82 -17.04 -12.92
C HIS B 57 8.30 -17.34 -14.33
N LYS B 58 8.31 -18.63 -14.69
CA LYS B 58 8.98 -19.07 -15.90
C LYS B 58 8.45 -18.38 -17.15
N TYR B 59 7.18 -18.01 -17.12
CA TYR B 59 6.58 -17.39 -18.30
C TYR B 59 6.23 -15.93 -18.06
N GLY B 60 7.04 -15.25 -17.25
CA GLY B 60 6.81 -13.85 -16.98
C GLY B 60 5.91 -13.67 -15.77
N ALA B 61 5.90 -12.46 -15.22
CA ALA B 61 5.22 -12.17 -13.95
C ALA B 61 3.75 -12.59 -13.96
N HIS B 62 3.37 -13.36 -12.95
CA HIS B 62 1.97 -13.70 -12.71
C HIS B 62 1.50 -13.05 -11.43
N LEU B 63 0.48 -12.20 -11.57
CA LEU B 63 -0.08 -11.47 -10.42
C LEU B 63 -1.51 -11.88 -10.20
N PHE B 64 -1.80 -12.40 -9.01
CA PHE B 64 -3.16 -12.86 -8.71
C PHE B 64 -4.03 -11.75 -8.13
N HIS B 65 -5.25 -11.65 -8.64
CA HIS B 65 -6.20 -10.62 -8.20
C HIS B 65 -7.61 -11.11 -8.53
N THR B 66 -8.58 -10.81 -7.68
CA THR B 66 -9.97 -11.19 -7.95
C THR B 66 -10.91 -10.38 -7.08
N SER B 67 -12.14 -10.19 -7.55
CA SER B 67 -13.19 -9.63 -6.70
C SER B 67 -14.23 -10.70 -6.33
N ASN B 68 -13.96 -11.94 -6.74
CA ASN B 68 -14.87 -13.06 -6.51
C ASN B 68 -14.52 -13.73 -5.17
N LYS B 69 -15.34 -13.48 -4.15
CA LYS B 69 -15.06 -14.02 -2.80
C LYS B 69 -15.06 -15.54 -2.78
N ARG B 70 -15.90 -16.18 -3.58
N ARG B 70 -15.93 -16.14 -3.58
CA ARG B 70 -15.88 -17.63 -3.63
CA ARG B 70 -15.98 -17.59 -3.82
C ARG B 70 -14.54 -18.14 -4.15
C ARG B 70 -14.60 -18.12 -4.18
N VAL B 71 -13.99 -17.47 -5.17
CA VAL B 71 -12.68 -17.84 -5.67
C VAL B 71 -11.60 -17.57 -4.60
N TRP B 72 -11.68 -16.42 -3.94
CA TRP B 72 -10.71 -16.06 -2.90
C TRP B 72 -10.71 -17.10 -1.76
N ASP B 73 -11.88 -17.48 -1.30
CA ASP B 73 -11.99 -18.52 -0.27
C ASP B 73 -11.43 -19.84 -0.78
N TYR B 74 -11.74 -20.17 -2.03
CA TYR B 74 -11.28 -21.43 -2.60
C TYR B 74 -9.75 -21.51 -2.64
N VAL B 75 -9.11 -20.49 -3.22
CA VAL B 75 -7.68 -20.59 -3.45
C VAL B 75 -6.89 -20.53 -2.14
N ARG B 76 -7.47 -19.90 -1.12
CA ARG B 76 -6.78 -19.77 0.16
C ARG B 76 -6.70 -21.11 0.89
N GLN B 77 -7.40 -22.13 0.38
CA GLN B 77 -7.26 -23.47 0.94
C GLN B 77 -5.92 -24.10 0.53
N PHE B 78 -5.22 -23.50 -0.44
CA PHE B 78 -4.01 -24.10 -0.99
C PHE B 78 -2.76 -23.25 -0.81
N THR B 79 -2.95 -22.01 -0.39
CA THR B 79 -1.82 -21.12 -0.26
C THR B 79 -2.21 -19.95 0.61
N ASP B 80 -1.23 -19.36 1.30
CA ASP B 80 -1.42 -18.05 1.89
C ASP B 80 -1.05 -16.99 0.85
N PHE B 81 -1.52 -15.75 1.05
CA PHE B 81 -1.14 -14.64 0.17
C PHE B 81 -0.43 -13.52 0.90
N THR B 82 0.55 -12.91 0.22
CA THR B 82 1.18 -11.71 0.73
C THR B 82 0.28 -10.51 0.54
N GLY B 83 0.70 -9.38 1.10
CA GLY B 83 -0.09 -8.16 0.97
C GLY B 83 0.29 -7.33 -0.24
N TYR B 84 1.00 -7.97 -1.17
CA TYR B 84 1.41 -7.30 -2.42
C TYR B 84 0.24 -6.70 -3.18
N GLN B 85 0.43 -5.47 -3.66
CA GLN B 85 -0.50 -4.84 -4.59
C GLN B 85 0.28 -4.44 -5.84
N HIS B 86 -0.18 -4.86 -7.00
CA HIS B 86 0.60 -4.68 -8.21
C HIS B 86 0.57 -3.24 -8.71
N ARG B 87 1.74 -2.71 -9.02
CA ARG B 87 1.89 -1.41 -9.67
C ARG B 87 2.88 -1.59 -10.81
N VAL B 88 2.59 -0.95 -11.94
CA VAL B 88 3.43 -1.04 -13.14
C VAL B 88 3.88 0.38 -13.51
N PHE B 89 5.13 0.54 -13.94
CA PHE B 89 5.58 1.83 -14.44
C PHE B 89 5.86 1.67 -15.91
N ALA B 90 5.71 2.76 -16.66
CA ALA B 90 5.81 2.72 -18.12
C ALA B 90 6.96 3.59 -18.58
N MET B 91 7.91 3.00 -19.32
CA MET B 91 9.08 3.71 -19.83
C MET B 91 8.78 4.29 -21.20
N HIS B 92 8.89 5.60 -21.32
CA HIS B 92 8.59 6.28 -22.57
C HIS B 92 9.57 7.42 -22.77
N ASN B 93 10.26 7.43 -23.91
CA ASN B 93 11.22 8.48 -24.21
C ASN B 93 12.16 8.79 -23.05
N GLY B 94 12.63 7.73 -22.40
CA GLY B 94 13.67 7.81 -21.39
C GLY B 94 13.19 8.16 -20.00
N GLN B 95 11.88 8.27 -19.84
CA GLN B 95 11.29 8.64 -18.55
C GLN B 95 10.39 7.52 -18.04
N ALA B 96 10.41 7.30 -16.73
CA ALA B 96 9.52 6.34 -16.08
C ALA B 96 8.23 7.03 -15.64
N TYR B 97 7.09 6.54 -16.14
CA TYR B 97 5.81 7.16 -15.84
C TYR B 97 4.95 6.33 -14.91
N GLN B 98 4.28 7.01 -14.00
CA GLN B 98 3.13 6.44 -13.31
C GLN B 98 2.13 5.92 -14.33
N PHE B 99 1.47 4.82 -14.00
CA PHE B 99 0.64 4.07 -14.94
C PHE B 99 -0.27 3.21 -14.07
N PRO B 100 -1.50 2.90 -14.51
CA PRO B 100 -2.13 3.27 -15.78
C PRO B 100 -2.75 4.65 -15.72
N MET B 101 -3.81 4.87 -16.48
CA MET B 101 -4.45 6.17 -16.55
C MET B 101 -4.90 6.68 -15.18
N GLY B 102 -4.38 7.84 -14.78
CA GLY B 102 -4.71 8.47 -13.51
C GLY B 102 -4.04 9.82 -13.48
N LEU B 103 -4.16 10.53 -12.37
CA LEU B 103 -3.61 11.88 -12.27
C LEU B 103 -2.09 11.90 -12.26
N GLY B 104 -1.47 10.78 -11.88
CA GLY B 104 -0.03 10.66 -11.99
C GLY B 104 0.44 10.72 -13.44
N LEU B 105 -0.11 9.83 -14.27
CA LEU B 105 0.26 9.78 -15.68
C LEU B 105 -0.03 11.11 -16.36
N VAL B 106 -1.21 11.67 -16.09
CA VAL B 106 -1.63 12.92 -16.71
C VAL B 106 -0.67 14.06 -16.34
N SER B 107 -0.38 14.22 -15.06
CA SER B 107 0.47 15.33 -14.66
C SER B 107 1.89 15.16 -15.18
N GLN B 108 2.43 13.95 -15.15
CA GLN B 108 3.75 13.73 -15.70
C GLN B 108 3.83 13.98 -17.21
N PHE B 109 2.89 13.41 -17.96
CA PHE B 109 2.99 13.50 -19.41
C PHE B 109 2.72 14.91 -19.92
N PHE B 110 1.73 15.60 -19.34
CA PHE B 110 1.38 16.94 -19.80
C PHE B 110 2.10 18.06 -19.05
N GLY B 111 2.93 17.69 -18.10
CA GLY B 111 3.96 18.58 -17.58
C GLY B 111 3.59 19.47 -16.41
N ARG B 112 2.37 19.33 -15.89
CA ARG B 112 1.97 20.06 -14.70
C ARG B 112 0.76 19.41 -14.07
N TYR B 113 0.41 19.85 -12.87
CA TYR B 113 -0.70 19.24 -12.14
C TYR B 113 -2.05 19.54 -12.77
N PHE B 114 -2.81 18.47 -13.02
CA PHE B 114 -4.22 18.59 -13.34
C PHE B 114 -5.07 18.05 -12.22
N SER B 115 -5.99 18.87 -11.72
CA SER B 115 -6.96 18.43 -10.73
C SER B 115 -7.87 17.38 -11.35
N PRO B 116 -8.62 16.63 -10.53
CA PRO B 116 -9.57 15.68 -11.12
C PRO B 116 -10.48 16.32 -12.20
N ASP B 117 -11.08 17.46 -11.89
CA ASP B 117 -11.97 18.12 -12.84
C ASP B 117 -11.23 18.61 -14.08
N GLU B 118 -10.03 19.17 -13.87
N GLU B 118 -10.04 19.17 -13.90
CA GLU B 118 -9.20 19.67 -14.97
CA GLU B 118 -9.28 19.65 -15.05
C GLU B 118 -8.76 18.53 -15.89
C GLU B 118 -8.85 18.48 -15.93
N ALA B 119 -8.41 17.40 -15.30
CA ALA B 119 -7.97 16.23 -16.06
C ALA B 119 -9.13 15.62 -16.83
N ARG B 120 -10.31 15.61 -16.22
CA ARG B 120 -11.48 15.06 -16.88
C ARG B 120 -11.78 15.87 -18.14
N ALA B 121 -11.68 17.19 -18.02
CA ALA B 121 -11.94 18.08 -19.16
C ALA B 121 -10.90 17.90 -20.25
N LEU B 122 -9.63 17.78 -19.87
CA LEU B 122 -8.55 17.61 -20.81
C LEU B 122 -8.72 16.35 -21.66
N ILE B 123 -9.01 15.25 -20.98
CA ILE B 123 -9.11 13.96 -21.65
C ILE B 123 -10.40 13.91 -22.48
N ALA B 124 -11.49 14.47 -21.97
CA ALA B 124 -12.73 14.52 -22.74
C ALA B 124 -12.52 15.18 -24.11
N GLU B 125 -11.75 16.26 -24.15
CA GLU B 125 -11.47 16.93 -25.44
C GLU B 125 -10.67 16.00 -26.34
N GLN B 126 -9.65 15.37 -25.78
CA GLN B 126 -8.71 14.56 -26.53
C GLN B 126 -9.30 13.22 -26.97
N ALA B 127 -10.44 12.86 -26.41
CA ALA B 127 -11.08 11.58 -26.71
C ALA B 127 -12.31 11.78 -27.60
N SER B 128 -12.61 13.04 -27.89
CA SER B 128 -13.91 13.43 -28.44
C SER B 128 -14.23 12.86 -29.82
N GLU B 129 -13.26 12.26 -30.48
CA GLU B 129 -13.50 11.73 -31.83
C GLU B 129 -14.46 10.53 -31.79
N ILE B 130 -14.70 9.97 -30.59
CA ILE B 130 -15.55 8.78 -30.40
C ILE B 130 -15.99 8.62 -28.95
N ASP B 131 -17.23 8.18 -28.74
CA ASP B 131 -17.72 7.90 -27.39
C ASP B 131 -17.49 6.42 -27.02
N THR B 132 -17.16 6.17 -25.75
CA THR B 132 -16.76 4.83 -25.31
C THR B 132 -17.82 3.78 -25.62
N LYS B 133 -19.09 4.18 -25.48
CA LYS B 133 -20.21 3.28 -25.76
C LYS B 133 -20.25 2.87 -27.23
N ASP B 134 -19.85 3.78 -28.11
CA ASP B 134 -19.90 3.54 -29.56
C ASP B 134 -18.64 2.86 -30.10
N ALA B 135 -17.60 2.75 -29.28
CA ALA B 135 -16.33 2.18 -29.72
C ALA B 135 -16.48 0.72 -30.16
N LYS B 136 -15.85 0.37 -31.27
CA LYS B 136 -16.08 -0.96 -31.86
C LYS B 136 -14.81 -1.78 -31.97
N ASN B 137 -13.68 -1.19 -31.61
CA ASN B 137 -12.43 -1.93 -31.58
C ASN B 137 -11.48 -1.36 -30.54
N PHE B 138 -10.33 -2.00 -30.41
CA PHE B 138 -9.35 -1.64 -29.39
C PHE B 138 -8.89 -0.19 -29.50
N GLU B 139 -8.50 0.21 -30.71
CA GLU B 139 -8.02 1.57 -30.90
C GLU B 139 -9.08 2.60 -30.52
N GLU B 140 -10.31 2.38 -30.97
CA GLU B 140 -11.37 3.32 -30.68
C GLU B 140 -11.69 3.39 -29.19
N LYS B 141 -11.74 2.23 -28.54
CA LYS B 141 -12.04 2.18 -27.11
C LYS B 141 -10.93 2.86 -26.30
N ALA B 142 -9.68 2.51 -26.62
CA ALA B 142 -8.52 3.09 -25.95
C ALA B 142 -8.52 4.62 -26.07
N ILE B 143 -8.64 5.14 -27.29
CA ILE B 143 -8.69 6.60 -27.47
C ILE B 143 -9.87 7.22 -26.70
N SER B 144 -11.00 6.52 -26.65
CA SER B 144 -12.19 7.07 -25.98
C SER B 144 -12.01 7.20 -24.45
N LEU B 145 -11.06 6.42 -23.91
CA LEU B 145 -10.81 6.37 -22.48
C LEU B 145 -9.61 7.19 -22.02
N VAL B 146 -8.55 7.23 -22.81
CA VAL B 146 -7.35 7.92 -22.37
C VAL B 146 -6.97 9.09 -23.25
N GLY B 147 -7.65 9.24 -24.39
CA GLY B 147 -7.39 10.37 -25.27
C GLY B 147 -6.27 10.09 -26.25
N ARG B 148 -6.28 10.79 -27.38
CA ARG B 148 -5.31 10.47 -28.42
C ARG B 148 -3.83 10.66 -28.01
N PRO B 149 -3.45 11.78 -27.35
CA PRO B 149 -2.02 11.90 -27.01
C PRO B 149 -1.48 10.76 -26.14
N LEU B 150 -2.20 10.41 -25.07
CA LEU B 150 -1.77 9.31 -24.22
C LEU B 150 -1.86 7.97 -24.97
N TYR B 151 -2.85 7.83 -25.84
CA TYR B 151 -2.96 6.63 -26.67
C TYR B 151 -1.71 6.47 -27.53
N GLU B 152 -1.30 7.55 -28.20
CA GLU B 152 -0.15 7.48 -29.10
C GLU B 152 1.17 7.24 -28.35
N ALA B 153 1.25 7.69 -27.10
CA ALA B 153 2.48 7.61 -26.34
C ALA B 153 2.65 6.30 -25.56
N PHE B 154 1.55 5.76 -25.02
CA PHE B 154 1.64 4.65 -24.06
C PHE B 154 0.91 3.38 -24.49
N ILE B 155 0.02 3.49 -25.47
CA ILE B 155 -0.78 2.34 -25.88
C ILE B 155 -0.38 1.81 -27.27
N LYS B 156 -0.31 2.72 -28.23
CA LYS B 156 -0.14 2.36 -29.65
C LYS B 156 1.06 1.47 -29.93
N HIS B 157 2.23 1.89 -29.46
CA HIS B 157 3.46 1.17 -29.78
C HIS B 157 3.68 -0.08 -28.92
N TYR B 158 3.28 -0.03 -27.65
CA TYR B 158 3.29 -1.23 -26.80
C TYR B 158 2.43 -2.32 -27.44
N THR B 159 1.23 -1.93 -27.83
CA THR B 159 0.27 -2.81 -28.48
C THR B 159 0.85 -3.37 -29.78
N ALA B 160 1.54 -2.54 -30.55
CA ALA B 160 2.16 -3.03 -31.76
C ALA B 160 3.23 -4.09 -31.47
N LYS B 161 4.02 -3.91 -30.43
CA LYS B 161 5.02 -4.90 -30.08
C LYS B 161 4.40 -6.20 -29.58
N GLN B 162 3.30 -6.07 -28.83
CA GLN B 162 2.72 -7.22 -28.16
C GLN B 162 1.86 -8.05 -29.09
N TRP B 163 1.26 -7.42 -30.09
CA TRP B 163 0.27 -8.09 -30.94
C TRP B 163 0.65 -8.14 -32.41
N GLN B 164 1.47 -7.19 -32.86
CA GLN B 164 1.84 -7.06 -34.27
C GLN B 164 0.61 -7.22 -35.16
N THR B 165 -0.47 -6.57 -34.72
CA THR B 165 -1.79 -6.67 -35.32
C THR B 165 -2.45 -5.29 -35.35
N ASP B 166 -3.03 -4.91 -36.48
CA ASP B 166 -3.78 -3.65 -36.59
C ASP B 166 -4.71 -3.47 -35.40
N PRO B 167 -4.53 -2.36 -34.63
CA PRO B 167 -5.33 -2.08 -33.43
C PRO B 167 -6.82 -1.94 -33.71
N LYS B 168 -7.18 -1.66 -34.97
CA LYS B 168 -8.58 -1.55 -35.34
C LYS B 168 -9.21 -2.93 -35.48
N ASP B 169 -8.36 -3.96 -35.43
CA ASP B 169 -8.82 -5.34 -35.56
C ASP B 169 -8.56 -6.14 -34.27
N LEU B 170 -8.19 -5.45 -33.20
CA LEU B 170 -8.03 -6.09 -31.89
C LEU B 170 -9.28 -5.87 -31.07
N PRO B 171 -9.55 -6.75 -30.08
CA PRO B 171 -10.77 -6.61 -29.28
C PRO B 171 -10.76 -5.40 -28.36
N ALA B 172 -11.90 -4.71 -28.26
CA ALA B 172 -12.02 -3.55 -27.37
C ALA B 172 -11.78 -3.91 -25.92
N SER B 173 -12.15 -5.14 -25.53
CA SER B 173 -12.06 -5.56 -24.12
C SER B 173 -10.61 -5.69 -23.65
N ASN B 174 -9.67 -5.69 -24.59
CA ASN B 174 -8.27 -5.71 -24.23
C ASN B 174 -7.88 -4.49 -23.40
N ILE B 175 -8.42 -3.32 -23.73
CA ILE B 175 -8.02 -2.11 -23.03
C ILE B 175 -8.77 -1.98 -21.71
N THR B 176 -9.95 -2.58 -21.61
CA THR B 176 -10.74 -2.43 -20.39
C THR B 176 -10.19 -3.30 -19.27
N ARG B 177 -9.17 -4.11 -19.56
CA ARG B 177 -8.43 -4.84 -18.52
C ARG B 177 -7.78 -3.82 -17.58
N LEU B 178 -7.40 -2.67 -18.12
CA LEU B 178 -6.70 -1.63 -17.36
C LEU B 178 -7.66 -0.65 -16.69
N PRO B 179 -7.43 -0.39 -15.38
CA PRO B 179 -8.21 0.65 -14.71
C PRO B 179 -8.03 2.01 -15.39
N VAL B 180 -9.08 2.81 -15.37
CA VAL B 180 -9.05 4.15 -15.91
C VAL B 180 -9.52 5.10 -14.83
N ARG B 181 -8.61 5.93 -14.30
CA ARG B 181 -8.93 6.70 -13.10
C ARG B 181 -8.63 8.18 -13.25
N TYR B 182 -9.32 8.97 -12.42
CA TYR B 182 -9.05 10.39 -12.31
C TYR B 182 -8.67 10.76 -10.88
N THR B 183 -7.96 9.83 -10.24
CA THR B 183 -7.33 10.03 -8.94
C THR B 183 -5.85 9.70 -9.07
N PHE B 184 -5.10 9.91 -7.99
CA PHE B 184 -3.69 9.54 -7.96
C PHE B 184 -3.45 8.05 -7.68
N ASP B 185 -4.53 7.27 -7.57
CA ASP B 185 -4.43 5.82 -7.44
C ASP B 185 -3.71 5.23 -8.66
N ASN B 186 -2.63 4.47 -8.43
CA ASN B 186 -1.95 3.78 -9.55
C ASN B 186 -1.87 2.26 -9.38
N ARG B 187 -2.86 1.67 -8.74
N ARG B 187 -2.87 1.68 -8.74
CA ARG B 187 -2.88 0.22 -8.69
CA ARG B 187 -2.95 0.22 -8.68
C ARG B 187 -3.23 -0.34 -10.06
C ARG B 187 -3.23 -0.33 -10.07
N TYR B 188 -2.47 -1.34 -10.49
CA TYR B 188 -2.63 -1.88 -11.83
C TYR B 188 -3.94 -2.63 -11.97
N PHE B 189 -4.46 -3.16 -10.86
CA PHE B 189 -5.75 -3.84 -10.87
C PHE B 189 -6.76 -3.06 -10.05
N ASN B 190 -8.04 -3.40 -10.22
CA ASN B 190 -9.11 -2.76 -9.45
C ASN B 190 -9.96 -3.79 -8.71
N ASP B 191 -9.32 -4.83 -8.19
CA ASP B 191 -10.06 -5.93 -7.57
C ASP B 191 -9.94 -5.92 -6.05
N THR B 192 -10.93 -6.53 -5.40
CA THR B 192 -11.00 -6.55 -3.94
C THR B 192 -9.82 -7.23 -3.27
N TYR B 193 -9.42 -8.35 -3.83
CA TYR B 193 -8.39 -9.21 -3.26
C TYR B 193 -7.22 -9.32 -4.21
N GLU B 194 -6.01 -9.23 -3.68
CA GLU B 194 -4.85 -9.62 -4.46
C GLU B 194 -3.67 -9.92 -3.56
N GLY B 195 -2.66 -10.53 -4.13
CA GLY B 195 -1.43 -10.81 -3.42
C GLY B 195 -0.65 -11.87 -4.19
N LEU B 196 0.53 -12.22 -3.68
CA LEU B 196 1.32 -13.30 -4.25
C LEU B 196 1.29 -14.48 -3.30
N PRO B 197 1.32 -15.70 -3.85
CA PRO B 197 1.34 -16.89 -3.01
C PRO B 197 2.61 -16.89 -2.15
N VAL B 198 2.43 -17.03 -0.84
CA VAL B 198 3.58 -16.93 0.05
C VAL B 198 4.67 -17.95 -0.29
N GLU B 199 4.28 -19.18 -0.59
N GLU B 199 4.28 -19.18 -0.59
CA GLU B 199 5.24 -20.22 -0.89
CA GLU B 199 5.24 -20.23 -0.89
C GLU B 199 5.43 -20.42 -2.39
C GLU B 199 5.49 -20.38 -2.39
N GLY B 200 4.98 -19.43 -3.16
CA GLY B 200 5.16 -19.46 -4.61
C GLY B 200 4.08 -20.20 -5.37
N TYR B 201 4.04 -19.98 -6.68
CA TYR B 201 2.99 -20.56 -7.50
C TYR B 201 3.09 -22.07 -7.61
N THR B 202 4.28 -22.59 -7.89
CA THR B 202 4.41 -24.03 -8.03
C THR B 202 3.97 -24.80 -6.77
N LYS B 203 4.26 -24.26 -5.57
CA LYS B 203 3.78 -24.91 -4.35
C LYS B 203 2.26 -24.93 -4.28
N TRP B 204 1.65 -23.81 -4.60
CA TRP B 204 0.20 -23.68 -4.64
C TRP B 204 -0.39 -24.72 -5.60
N LEU B 205 0.19 -24.82 -6.80
CA LEU B 205 -0.30 -25.76 -7.80
C LEU B 205 -0.14 -27.20 -7.35
N GLU B 206 0.99 -27.50 -6.75
CA GLU B 206 1.24 -28.85 -6.23
C GLU B 206 0.24 -29.16 -5.12
N ASN B 207 -0.05 -28.17 -4.28
CA ASN B 207 -1.05 -28.38 -3.23
C ASN B 207 -2.43 -28.71 -3.80
N MET B 208 -2.77 -28.11 -4.93
CA MET B 208 -4.03 -28.43 -5.59
C MET B 208 -4.07 -29.85 -6.12
N ALA B 209 -2.91 -30.40 -6.44
CA ALA B 209 -2.82 -31.73 -7.02
C ALA B 209 -2.46 -32.78 -5.98
N ALA B 210 -2.52 -32.42 -4.69
CA ALA B 210 -1.96 -33.25 -3.64
C ALA B 210 -2.79 -34.49 -3.28
N ASP B 211 -4.11 -34.44 -3.49
CA ASP B 211 -4.96 -35.53 -3.04
C ASP B 211 -4.50 -36.88 -3.62
N GLU B 212 -4.59 -37.93 -2.81
CA GLU B 212 -4.11 -39.25 -3.25
C GLU B 212 -4.89 -39.78 -4.45
N ARG B 213 -6.10 -39.27 -4.67
CA ARG B 213 -6.91 -39.69 -5.80
C ARG B 213 -6.49 -39.01 -7.13
N ILE B 214 -5.52 -38.11 -7.05
CA ILE B 214 -5.01 -37.43 -8.26
C ILE B 214 -3.66 -37.97 -8.69
N GLU B 215 -3.56 -38.39 -9.95
CA GLU B 215 -2.28 -38.76 -10.52
C GLU B 215 -1.92 -37.84 -11.68
N VAL B 216 -0.72 -37.28 -11.61
CA VAL B 216 -0.23 -36.37 -12.64
C VAL B 216 0.89 -37.03 -13.43
N ARG B 217 0.73 -37.09 -14.74
CA ARG B 217 1.78 -37.62 -15.61
C ARG B 217 2.34 -36.51 -16.51
N LEU B 218 3.57 -36.11 -16.20
CA LEU B 218 4.25 -35.06 -16.95
C LEU B 218 4.87 -35.64 -18.20
N ASP B 219 5.35 -34.78 -19.11
CA ASP B 219 6.00 -35.20 -20.35
C ASP B 219 5.17 -36.17 -21.17
N THR B 220 3.86 -36.02 -21.13
CA THR B 220 2.95 -36.94 -21.82
C THR B 220 1.95 -36.18 -22.68
N ASP B 221 1.95 -36.45 -23.97
CA ASP B 221 0.99 -35.80 -24.85
C ASP B 221 -0.30 -36.61 -24.91
N TRP B 222 -1.40 -35.96 -24.52
CA TRP B 222 -2.73 -36.58 -24.55
C TRP B 222 -2.98 -37.38 -25.82
N PHE B 223 -2.67 -36.77 -26.96
CA PHE B 223 -3.05 -37.34 -28.25
C PHE B 223 -2.25 -38.60 -28.56
N ASP B 224 -1.15 -38.81 -27.86
CA ASP B 224 -0.39 -40.05 -27.99
C ASP B 224 -0.99 -41.18 -27.15
N VAL B 225 -1.62 -40.83 -26.04
CA VAL B 225 -2.01 -41.86 -25.07
C VAL B 225 -3.52 -42.03 -24.88
N ARG B 226 -4.33 -41.15 -25.47
CA ARG B 226 -5.76 -41.11 -25.13
C ARG B 226 -6.53 -42.37 -25.50
N ASP B 227 -6.27 -42.93 -26.69
CA ASP B 227 -7.07 -44.06 -27.17
C ASP B 227 -7.00 -45.25 -26.22
N ASP B 228 -5.81 -45.63 -25.81
CA ASP B 228 -5.66 -46.77 -24.91
C ASP B 228 -6.15 -46.42 -23.50
N LEU B 229 -5.95 -45.16 -23.08
CA LEU B 229 -6.42 -44.74 -21.77
C LEU B 229 -7.93 -44.81 -21.66
N ARG B 230 -8.62 -44.26 -22.64
CA ARG B 230 -10.07 -44.22 -22.62
C ARG B 230 -10.68 -45.60 -22.82
N ALA B 231 -9.96 -46.47 -23.53
CA ALA B 231 -10.45 -47.82 -23.79
C ALA B 231 -10.54 -48.61 -22.49
N ALA B 232 -9.56 -48.39 -21.62
CA ALA B 232 -9.47 -49.08 -20.34
C ALA B 232 -10.41 -48.48 -19.31
N ASN B 233 -10.83 -47.23 -19.55
CA ASN B 233 -11.75 -46.54 -18.66
C ASN B 233 -12.83 -45.80 -19.44
N PRO B 234 -13.73 -46.54 -20.12
CA PRO B 234 -14.68 -45.91 -21.04
C PRO B 234 -15.76 -45.01 -20.41
N ASP B 235 -16.06 -45.19 -19.12
CA ASP B 235 -17.05 -44.34 -18.47
C ASP B 235 -16.52 -42.93 -18.18
N ALA B 236 -15.21 -42.76 -18.20
CA ALA B 236 -14.61 -41.51 -17.75
C ALA B 236 -14.72 -40.42 -18.81
N PRO B 237 -15.25 -39.24 -18.42
CA PRO B 237 -15.22 -38.10 -19.34
C PRO B 237 -13.86 -37.42 -19.33
N VAL B 238 -13.71 -36.42 -20.19
CA VAL B 238 -12.44 -35.72 -20.37
C VAL B 238 -12.68 -34.23 -20.24
N VAL B 239 -11.76 -33.53 -19.57
CA VAL B 239 -11.75 -32.07 -19.60
C VAL B 239 -10.44 -31.66 -20.26
N TYR B 240 -10.57 -31.00 -21.42
CA TYR B 240 -9.40 -30.63 -22.23
C TYR B 240 -9.11 -29.14 -22.09
N THR B 241 -7.86 -28.81 -21.76
CA THR B 241 -7.48 -27.41 -21.58
C THR B 241 -6.30 -27.03 -22.49
N GLY B 242 -5.99 -27.88 -23.47
CA GLY B 242 -4.97 -27.55 -24.45
C GLY B 242 -5.53 -26.64 -25.54
N PRO B 243 -4.70 -26.27 -26.52
CA PRO B 243 -5.19 -25.38 -27.58
C PRO B 243 -6.36 -25.98 -28.34
N LEU B 244 -7.41 -25.17 -28.51
CA LEU B 244 -8.64 -25.60 -29.12
C LEU B 244 -8.47 -26.05 -30.58
N ASP B 245 -7.75 -25.26 -31.36
CA ASP B 245 -7.60 -25.63 -32.77
C ASP B 245 -6.75 -26.90 -32.93
N ARG B 246 -5.72 -27.06 -32.11
CA ARG B 246 -4.87 -28.25 -32.19
C ARG B 246 -5.63 -29.54 -31.90
N TYR B 247 -6.60 -29.48 -30.99
CA TYR B 247 -7.41 -30.65 -30.64
C TYR B 247 -8.02 -31.29 -31.89
N PHE B 248 -8.48 -30.45 -32.81
CA PHE B 248 -9.13 -30.92 -34.02
C PHE B 248 -8.18 -30.89 -35.20
N ASP B 249 -6.89 -31.03 -34.91
CA ASP B 249 -5.85 -31.07 -35.93
C ASP B 249 -5.99 -29.92 -36.94
N TYR B 250 -6.33 -28.74 -36.41
CA TYR B 250 -6.45 -27.51 -37.20
C TYR B 250 -7.40 -27.65 -38.39
N ALA B 251 -8.43 -28.46 -38.23
CA ALA B 251 -9.33 -28.78 -39.34
C ALA B 251 -10.15 -27.59 -39.84
N GLU B 252 -10.35 -26.58 -39.01
CA GLU B 252 -11.17 -25.44 -39.41
C GLU B 252 -10.31 -24.20 -39.63
N GLY B 253 -9.02 -24.40 -39.76
CA GLY B 253 -8.08 -23.30 -39.96
C GLY B 253 -7.29 -23.04 -38.70
N ARG B 254 -6.27 -22.20 -38.78
CA ARG B 254 -5.47 -21.92 -37.60
C ARG B 254 -5.91 -20.62 -36.96
N LEU B 255 -6.18 -20.69 -35.66
CA LEU B 255 -6.47 -19.49 -34.90
C LEU B 255 -5.18 -18.70 -34.75
N GLY B 256 -5.28 -17.38 -34.73
CA GLY B 256 -4.10 -16.56 -34.48
C GLY B 256 -3.80 -16.52 -32.99
N TRP B 257 -2.58 -16.88 -32.62
CA TRP B 257 -2.11 -16.77 -31.23
C TRP B 257 -0.82 -15.99 -31.18
N ARG B 258 -0.55 -15.38 -30.03
CA ARG B 258 0.78 -14.84 -29.75
C ARG B 258 1.52 -15.80 -28.82
N THR B 259 2.84 -15.83 -28.94
CA THR B 259 3.68 -16.55 -28.00
C THR B 259 4.76 -15.60 -27.49
N LEU B 260 5.50 -16.02 -26.47
CA LEU B 260 6.54 -15.17 -25.90
C LEU B 260 7.86 -15.90 -25.82
N ASP B 261 8.93 -15.14 -25.98
CA ASP B 261 10.27 -15.62 -25.68
C ASP B 261 10.81 -14.79 -24.51
N PHE B 262 11.71 -15.38 -23.73
CA PHE B 262 12.27 -14.66 -22.61
C PHE B 262 13.78 -14.76 -22.60
N GLU B 263 14.43 -13.70 -22.11
CA GLU B 263 15.84 -13.79 -21.77
C GLU B 263 16.00 -13.55 -20.28
N LEU B 264 16.46 -14.58 -19.59
CA LEU B 264 16.71 -14.48 -18.16
C LEU B 264 18.16 -14.08 -17.95
N GLU B 265 18.40 -13.14 -17.06
CA GLU B 265 19.75 -12.68 -16.82
C GLU B 265 19.99 -12.35 -15.36
N VAL B 266 21.07 -12.90 -14.82
CA VAL B 266 21.52 -12.59 -13.48
C VAL B 266 22.52 -11.45 -13.55
N LEU B 267 22.24 -10.38 -12.81
CA LEU B 267 23.08 -9.20 -12.82
C LEU B 267 23.81 -9.03 -11.50
N GLU B 268 24.99 -8.42 -11.57
CA GLU B 268 25.80 -8.18 -10.40
C GLU B 268 25.45 -6.84 -9.75
N THR B 269 24.14 -6.63 -9.55
CA THR B 269 23.66 -5.55 -8.71
C THR B 269 22.49 -6.09 -7.88
N GLY B 270 22.24 -5.48 -6.73
CA GLY B 270 21.16 -5.92 -5.87
C GLY B 270 19.78 -5.51 -6.35
N ASP B 271 19.74 -4.55 -7.27
CA ASP B 271 18.46 -4.00 -7.72
C ASP B 271 18.60 -3.32 -9.08
N PHE B 272 17.98 -3.91 -10.10
CA PHE B 272 18.11 -3.42 -11.47
C PHE B 272 17.18 -2.24 -11.80
N GLN B 273 15.94 -2.25 -11.27
CA GLN B 273 14.97 -1.25 -11.69
C GLN B 273 14.01 -0.79 -10.58
N GLY B 274 14.16 -1.36 -9.38
CA GLY B 274 13.44 -0.84 -8.22
C GLY B 274 11.93 -1.05 -8.22
N THR B 275 11.46 -1.95 -9.08
CA THR B 275 10.02 -2.25 -9.18
C THR B 275 9.88 -3.58 -9.91
N PRO B 276 8.82 -4.36 -9.63
CA PRO B 276 8.74 -5.70 -10.21
C PRO B 276 8.63 -5.73 -11.73
N VAL B 277 7.85 -4.83 -12.31
CA VAL B 277 7.61 -4.85 -13.75
C VAL B 277 7.72 -3.44 -14.35
N MET B 278 8.62 -3.29 -15.32
CA MET B 278 8.76 -2.04 -16.05
C MET B 278 8.35 -2.29 -17.49
N ASN B 279 7.29 -1.62 -17.94
CA ASN B 279 6.84 -1.71 -19.32
C ASN B 279 7.73 -0.81 -20.18
N TYR B 280 8.02 -1.26 -21.40
CA TYR B 280 8.74 -0.43 -22.35
C TYR B 280 7.82 -0.13 -23.53
N ASN B 281 7.36 1.10 -23.56
CA ASN B 281 6.26 1.49 -24.43
C ASN B 281 6.71 2.02 -25.79
N ASP B 282 8.01 2.03 -26.01
CA ASP B 282 8.55 2.60 -27.25
C ASP B 282 9.00 1.55 -28.26
N LEU B 283 8.97 1.91 -29.55
CA LEU B 283 9.33 0.97 -30.61
C LEU B 283 10.83 0.68 -30.68
N ASP B 284 11.63 1.45 -29.96
CA ASP B 284 13.08 1.39 -30.08
C ASP B 284 13.75 0.30 -29.23
N VAL B 285 12.96 -0.42 -28.42
CA VAL B 285 13.50 -1.59 -27.74
C VAL B 285 12.62 -2.81 -28.10
N PRO B 286 13.25 -3.98 -28.28
CA PRO B 286 12.57 -5.16 -28.79
C PRO B 286 11.62 -5.82 -27.79
N TYR B 287 11.90 -5.67 -26.49
CA TYR B 287 11.08 -6.31 -25.46
C TYR B 287 9.92 -5.42 -25.04
N THR B 288 8.83 -6.04 -24.59
CA THR B 288 7.65 -5.31 -24.16
C THR B 288 7.78 -4.84 -22.71
N ARG B 289 8.54 -5.58 -21.91
CA ARG B 289 8.70 -5.26 -20.49
C ARG B 289 9.83 -6.08 -19.88
N ILE B 290 10.29 -5.66 -18.71
CA ILE B 290 11.30 -6.38 -17.96
C ILE B 290 10.76 -6.71 -16.58
N HIS B 291 10.90 -7.97 -16.19
CA HIS B 291 10.48 -8.42 -14.87
C HIS B 291 11.68 -8.52 -13.95
N GLU B 292 11.56 -8.03 -12.72
CA GLU B 292 12.62 -8.23 -11.74
C GLU B 292 12.04 -8.93 -10.51
N PHE B 293 12.28 -10.23 -10.39
CA PHE B 293 11.47 -11.05 -9.50
C PHE B 293 11.75 -10.89 -8.02
N ARG B 294 12.91 -10.36 -7.65
CA ARG B 294 13.22 -10.17 -6.22
C ARG B 294 12.14 -9.33 -5.51
N HIS B 295 11.53 -8.39 -6.22
CA HIS B 295 10.56 -7.47 -5.63
C HIS B 295 9.22 -8.12 -5.27
N PHE B 296 9.00 -9.33 -5.75
CA PHE B 296 7.77 -10.08 -5.44
C PHE B 296 7.79 -10.71 -4.05
N HIS B 297 8.99 -10.96 -3.53
CA HIS B 297 9.13 -11.61 -2.22
C HIS B 297 10.24 -11.02 -1.37
N PRO B 298 10.06 -9.76 -0.91
CA PRO B 298 11.01 -9.09 -0.01
C PRO B 298 11.24 -9.87 1.29
N GLU B 299 10.30 -10.74 1.62
CA GLU B 299 10.35 -11.44 2.90
C GLU B 299 11.33 -12.60 2.88
N ARG B 300 11.83 -12.94 1.70
CA ARG B 300 12.70 -14.11 1.55
C ARG B 300 14.18 -13.76 1.69
N THR B 301 15.02 -14.79 1.78
CA THR B 301 16.45 -14.61 2.00
C THR B 301 17.21 -14.42 0.69
N TYR B 302 16.83 -13.38 -0.04
CA TYR B 302 17.42 -13.13 -1.34
C TYR B 302 18.74 -12.37 -1.20
N PRO B 303 19.70 -12.61 -2.10
CA PRO B 303 20.98 -11.91 -1.99
C PRO B 303 20.83 -10.42 -2.23
N THR B 304 21.72 -9.62 -1.64
CA THR B 304 21.60 -8.18 -1.74
C THR B 304 22.58 -7.57 -2.75
N ASP B 305 23.34 -8.42 -3.44
CA ASP B 305 24.31 -7.95 -4.42
C ASP B 305 24.10 -8.56 -5.81
N LYS B 306 23.06 -9.37 -5.95
CA LYS B 306 22.70 -9.94 -7.25
C LYS B 306 21.21 -9.84 -7.44
N THR B 307 20.76 -9.97 -8.69
CA THR B 307 19.34 -9.93 -8.99
C THR B 307 19.09 -10.64 -10.31
N VAL B 308 17.90 -11.23 -10.45
CA VAL B 308 17.53 -11.85 -11.71
C VAL B 308 16.45 -11.04 -12.41
N ILE B 309 16.70 -10.73 -13.67
CA ILE B 309 15.70 -10.03 -14.47
C ILE B 309 15.34 -10.89 -15.66
N MET B 310 14.22 -10.56 -16.28
CA MET B 310 13.74 -11.30 -17.43
C MET B 310 13.15 -10.34 -18.45
N ARG B 311 13.77 -10.31 -19.64
CA ARG B 311 13.23 -9.54 -20.75
C ARG B 311 12.19 -10.37 -21.51
N GLU B 312 11.06 -9.75 -21.83
CA GLU B 312 9.95 -10.44 -22.48
C GLU B 312 9.76 -9.97 -23.93
N TYR B 313 9.75 -10.92 -24.86
CA TYR B 313 9.63 -10.63 -26.29
C TYR B 313 8.41 -11.33 -26.87
N SER B 314 7.61 -10.61 -27.64
CA SER B 314 6.38 -11.17 -28.20
C SER B 314 6.50 -11.46 -29.70
N ARG B 315 5.88 -12.54 -30.16
CA ARG B 315 5.82 -12.85 -31.59
C ARG B 315 4.65 -13.77 -31.91
N PHE B 316 4.38 -14.01 -33.18
CA PHE B 316 3.29 -14.92 -33.56
C PHE B 316 3.65 -16.35 -33.21
N ALA B 317 2.65 -17.09 -32.74
CA ALA B 317 2.83 -18.50 -32.48
C ALA B 317 2.82 -19.22 -33.81
N ASP B 318 3.96 -19.76 -34.19
CA ASP B 318 4.05 -20.55 -35.41
C ASP B 318 3.61 -21.96 -35.05
N ASN B 319 3.71 -22.90 -35.98
CA ASN B 319 3.21 -24.25 -35.74
C ASN B 319 4.13 -25.00 -34.77
N ASP B 320 5.33 -24.47 -34.59
CA ASP B 320 6.37 -25.04 -33.72
C ASP B 320 6.14 -24.58 -32.26
N ASP B 321 5.32 -23.55 -32.08
CA ASP B 321 5.24 -22.90 -30.78
C ASP B 321 4.02 -23.25 -29.92
N GLU B 322 4.18 -23.11 -28.60
N GLU B 322 4.17 -23.13 -28.61
CA GLU B 322 3.08 -23.16 -27.67
CA GLU B 322 3.03 -23.21 -27.71
C GLU B 322 2.43 -21.77 -27.63
C GLU B 322 2.43 -21.81 -27.61
N PRO B 323 1.10 -21.72 -27.77
CA PRO B 323 0.37 -20.44 -27.80
C PRO B 323 0.16 -19.87 -26.40
N TYR B 324 0.24 -18.56 -26.26
CA TYR B 324 0.09 -17.90 -24.96
C TYR B 324 -1.13 -16.96 -24.91
N TYR B 325 -1.40 -16.28 -26.03
CA TYR B 325 -2.48 -15.31 -26.10
C TYR B 325 -3.39 -15.53 -27.31
N PRO B 326 -4.70 -15.62 -27.09
CA PRO B 326 -5.61 -15.56 -28.22
C PRO B 326 -5.64 -14.13 -28.77
N ILE B 327 -5.66 -13.98 -30.10
CA ILE B 327 -5.61 -12.64 -30.68
C ILE B 327 -7.01 -12.10 -30.91
N ASN B 328 -7.89 -12.96 -31.44
CA ASN B 328 -9.32 -12.64 -31.60
C ASN B 328 -9.66 -11.47 -32.54
N THR B 329 -9.00 -11.43 -33.70
CA THR B 329 -9.43 -10.55 -34.78
C THR B 329 -10.79 -11.01 -35.27
N GLU B 330 -11.41 -10.23 -36.15
CA GLU B 330 -12.69 -10.62 -36.70
C GLU B 330 -12.55 -11.95 -37.47
N ALA B 331 -11.44 -12.12 -38.18
CA ALA B 331 -11.15 -13.37 -38.89
C ALA B 331 -11.04 -14.54 -37.91
N ASP B 332 -10.28 -14.32 -36.84
CA ASP B 332 -10.13 -15.33 -35.78
C ASP B 332 -11.47 -15.75 -35.21
N ARG B 333 -12.32 -14.77 -34.94
CA ARG B 333 -13.61 -15.03 -34.33
C ARG B 333 -14.50 -15.87 -35.23
N ALA B 334 -14.32 -15.77 -36.55
CA ALA B 334 -15.07 -16.62 -37.46
C ALA B 334 -14.58 -18.07 -37.41
N VAL B 335 -13.26 -18.24 -37.36
CA VAL B 335 -12.66 -19.57 -37.22
C VAL B 335 -13.03 -20.16 -35.86
N LEU B 336 -13.10 -19.31 -34.83
CA LEU B 336 -13.49 -19.74 -33.49
C LEU B 336 -14.90 -20.32 -33.47
N ALA B 337 -15.82 -19.68 -34.19
CA ALA B 337 -17.20 -20.15 -34.25
C ALA B 337 -17.26 -21.58 -34.79
N ALA B 338 -16.44 -21.87 -35.80
CA ALA B 338 -16.36 -23.22 -36.35
C ALA B 338 -15.83 -24.20 -35.31
N TYR B 339 -14.82 -23.76 -34.56
CA TYR B 339 -14.24 -24.63 -33.54
C TYR B 339 -15.18 -24.83 -32.35
N ARG B 340 -15.98 -23.81 -32.01
CA ARG B 340 -16.93 -23.95 -30.92
C ARG B 340 -17.97 -25.00 -31.29
N ALA B 341 -18.33 -25.03 -32.58
CA ALA B 341 -19.24 -26.05 -33.08
C ALA B 341 -18.63 -27.45 -32.99
N ARG B 342 -17.37 -27.60 -33.36
CA ARG B 342 -16.68 -28.88 -33.21
C ARG B 342 -16.61 -29.29 -31.75
N ALA B 343 -16.33 -28.32 -30.89
CA ALA B 343 -16.18 -28.57 -29.45
C ALA B 343 -17.47 -29.09 -28.84
N LYS B 344 -18.57 -28.41 -29.12
CA LYS B 344 -19.86 -28.87 -28.61
C LYS B 344 -20.18 -30.27 -29.16
N ALA B 345 -19.82 -30.55 -30.41
CA ALA B 345 -20.06 -31.89 -30.97
C ALA B 345 -19.26 -32.95 -30.23
N GLU B 346 -18.01 -32.62 -29.89
CA GLU B 346 -17.12 -33.57 -29.24
C GLU B 346 -17.60 -33.82 -27.81
N THR B 347 -18.18 -32.79 -27.20
CA THR B 347 -18.76 -32.95 -25.85
C THR B 347 -19.90 -33.99 -25.90
N ALA B 348 -20.78 -33.84 -26.89
CA ALA B 348 -21.92 -34.74 -27.02
C ALA B 348 -21.48 -36.16 -27.34
N SER B 349 -20.54 -36.30 -28.26
CA SER B 349 -20.12 -37.60 -28.76
C SER B 349 -19.14 -38.32 -27.86
N ALA B 350 -18.10 -37.61 -27.44
CA ALA B 350 -16.96 -38.26 -26.82
C ALA B 350 -16.80 -37.87 -25.36
N LYS B 351 -17.74 -37.07 -24.86
CA LYS B 351 -17.81 -36.66 -23.46
C LYS B 351 -16.55 -35.89 -23.09
N VAL B 352 -16.13 -35.03 -24.01
CA VAL B 352 -14.98 -34.16 -23.80
C VAL B 352 -15.43 -32.72 -23.56
N LEU B 353 -15.11 -32.18 -22.39
CA LEU B 353 -15.40 -30.77 -22.10
C LEU B 353 -14.18 -29.93 -22.46
N PHE B 354 -14.42 -28.66 -22.78
CA PHE B 354 -13.35 -27.73 -23.15
C PHE B 354 -13.33 -26.55 -22.19
N GLY B 355 -12.15 -26.22 -21.68
CA GLY B 355 -12.03 -25.10 -20.77
C GLY B 355 -10.68 -24.43 -20.77
N GLY B 356 -10.65 -23.25 -20.17
CA GLY B 356 -9.41 -22.55 -19.94
C GLY B 356 -9.05 -21.61 -21.06
N ARG B 357 -7.94 -20.88 -20.88
CA ARG B 357 -7.46 -19.93 -21.87
C ARG B 357 -7.30 -20.58 -23.26
N LEU B 358 -6.59 -21.70 -23.32
CA LEU B 358 -6.27 -22.38 -24.57
C LEU B 358 -7.46 -23.19 -25.10
N GLY B 359 -8.22 -23.80 -24.19
CA GLY B 359 -9.32 -24.65 -24.57
C GLY B 359 -10.53 -23.91 -25.11
N THR B 360 -10.62 -22.61 -24.82
CA THR B 360 -11.76 -21.81 -25.29
C THR B 360 -11.33 -20.55 -26.08
N TYR B 361 -10.03 -20.42 -26.29
CA TYR B 361 -9.47 -19.26 -27.01
C TYR B 361 -9.93 -17.95 -26.38
N GLN B 362 -9.82 -17.85 -25.06
CA GLN B 362 -10.23 -16.64 -24.35
C GLN B 362 -9.07 -16.08 -23.53
N TYR B 363 -9.03 -14.76 -23.50
CA TYR B 363 -8.05 -14.00 -22.75
C TYR B 363 -8.35 -14.09 -21.22
N LEU B 364 -8.06 -15.23 -20.61
CA LEU B 364 -8.46 -15.48 -19.21
C LEU B 364 -7.30 -15.34 -18.23
N ASP B 365 -7.48 -14.49 -17.22
CA ASP B 365 -6.58 -14.42 -16.08
C ASP B 365 -6.77 -15.66 -15.16
N MET B 366 -5.81 -15.91 -14.29
CA MET B 366 -5.88 -17.04 -13.35
C MET B 366 -7.22 -17.11 -12.63
N HIS B 367 -7.66 -15.98 -12.09
CA HIS B 367 -8.89 -16.01 -11.29
C HIS B 367 -10.11 -16.28 -12.13
N MET B 368 -10.06 -15.87 -13.40
N MET B 368 -10.09 -15.89 -13.40
CA MET B 368 -11.13 -16.11 -14.35
CA MET B 368 -11.24 -16.16 -14.26
C MET B 368 -11.22 -17.58 -14.71
C MET B 368 -11.25 -17.61 -14.72
N ALA B 369 -10.06 -18.19 -14.92
CA ALA B 369 -9.98 -19.60 -15.28
C ALA B 369 -10.52 -20.45 -14.11
N ILE B 370 -10.14 -20.07 -12.89
CA ILE B 370 -10.55 -20.84 -11.69
C ILE B 370 -12.05 -20.70 -11.47
N ALA B 371 -12.59 -19.48 -11.60
CA ALA B 371 -14.04 -19.29 -11.48
C ALA B 371 -14.78 -20.14 -12.51
N SER B 372 -14.23 -20.15 -13.73
CA SER B 372 -14.84 -20.90 -14.82
C SER B 372 -14.85 -22.40 -14.53
N ALA B 373 -13.74 -22.91 -13.97
CA ALA B 373 -13.64 -24.33 -13.63
C ALA B 373 -14.57 -24.70 -12.48
N LEU B 374 -14.65 -23.83 -11.48
CA LEU B 374 -15.56 -24.10 -10.36
C LEU B 374 -16.99 -24.21 -10.85
N SER B 375 -17.36 -23.33 -11.77
N SER B 375 -17.37 -23.34 -11.77
CA SER B 375 -18.69 -23.35 -12.39
CA SER B 375 -18.71 -23.38 -12.36
C SER B 375 -18.91 -24.60 -13.23
C SER B 375 -18.91 -24.62 -13.23
N MET B 376 -17.93 -24.94 -14.07
CA MET B 376 -18.02 -26.15 -14.89
C MET B 376 -18.20 -27.37 -13.99
N PHE B 377 -17.47 -27.40 -12.88
CA PHE B 377 -17.56 -28.57 -12.01
C PHE B 377 -18.93 -28.66 -11.36
N ASP B 378 -19.39 -27.58 -10.74
CA ASP B 378 -20.67 -27.62 -10.02
C ASP B 378 -21.87 -27.84 -10.94
N ASN B 379 -21.87 -27.20 -12.10
CA ASN B 379 -23.05 -27.15 -12.96
C ASN B 379 -23.11 -28.23 -14.04
N VAL B 380 -21.96 -28.73 -14.46
CA VAL B 380 -21.92 -29.65 -15.61
C VAL B 380 -21.24 -30.97 -15.32
N LEU B 381 -20.03 -30.91 -14.79
CA LEU B 381 -19.25 -32.12 -14.63
C LEU B 381 -19.67 -32.97 -13.43
N ALA B 382 -19.89 -32.35 -12.27
CA ALA B 382 -20.23 -33.12 -11.08
C ALA B 382 -21.56 -33.89 -11.29
N PRO B 383 -22.59 -33.24 -11.85
CA PRO B 383 -23.82 -34.01 -12.09
C PRO B 383 -23.60 -35.16 -13.07
N HIS B 384 -22.73 -34.98 -14.06
CA HIS B 384 -22.41 -36.10 -14.95
C HIS B 384 -21.74 -37.23 -14.18
N LEU B 385 -20.77 -36.88 -13.34
CA LEU B 385 -19.96 -37.87 -12.65
C LEU B 385 -20.74 -38.64 -11.56
N SER B 386 -21.74 -37.99 -10.96
N SER B 386 -21.69 -37.96 -10.95
CA SER B 386 -22.39 -38.50 -9.76
CA SER B 386 -22.41 -38.55 -9.82
C SER B 386 -23.88 -38.87 -9.89
C SER B 386 -23.70 -39.19 -10.27
N GLU B 387 -24.53 -38.43 -10.96
CA GLU B 387 -25.89 -38.89 -11.24
C GLU B 387 -26.08 -39.30 -12.70
N GLY B 388 -24.99 -39.31 -13.45
CA GLY B 388 -25.04 -39.66 -14.86
C GLY B 388 -25.84 -38.67 -15.67
N ALA B 389 -25.92 -37.42 -15.20
CA ALA B 389 -26.58 -36.36 -15.95
C ALA B 389 -25.85 -36.17 -17.26
N SER B 390 -26.54 -35.62 -18.26
CA SER B 390 -25.94 -35.39 -19.57
C SER B 390 -24.98 -34.21 -19.52
N LEU B 391 -23.88 -34.28 -20.26
CA LEU B 391 -23.00 -33.13 -20.44
C LEU B 391 -23.63 -32.09 -21.36
N VAL B 392 -24.69 -32.49 -22.06
CA VAL B 392 -25.51 -31.56 -22.84
C VAL B 392 -26.64 -31.04 -21.94
N THR B 393 -26.38 -29.94 -21.24
CA THR B 393 -27.20 -29.57 -20.08
C THR B 393 -28.56 -28.94 -20.42
N GLU B 394 -29.50 -29.09 -19.49
CA GLU B 394 -30.86 -28.57 -19.65
C GLU B 394 -30.84 -27.05 -19.78
N1 UDP C . 8.99 17.33 5.52
C2 UDP C . 9.40 18.21 4.49
N3 UDP C . 8.64 18.17 3.31
C4 UDP C . 7.53 17.31 3.09
C5 UDP C . 7.20 16.46 4.21
C6 UDP C . 7.91 16.47 5.38
O2 UDP C . 10.34 18.98 4.62
O4 UDP C . 6.95 17.37 2.01
C1' UDP C . 9.77 17.41 6.77
C2' UDP C . 9.18 18.55 7.66
O2' UDP C . 10.23 19.17 8.34
C3' UDP C . 8.25 17.72 8.57
C4' UDP C . 9.05 16.42 8.74
O4' UDP C . 9.66 16.19 7.48
O3' UDP C . 8.13 18.32 9.83
C5' UDP C . 8.11 15.19 9.04
O5' UDP C . 7.10 15.26 8.19
PA UDP C . 5.51 14.50 8.67
O1A UDP C . 6.11 13.35 9.49
O2A UDP C . 5.02 14.20 7.31
O3A UDP C . 4.92 15.67 9.50
PB UDP C . 3.43 15.65 10.43
O1B UDP C . 3.14 17.14 10.60
O2B UDP C . 3.88 14.96 11.73
O3B UDP C . 2.45 14.87 9.57
PA FAD D . -3.33 13.97 23.49
O1A FAD D . -4.02 13.34 22.30
O2A FAD D . -3.03 15.47 23.23
O5B FAD D . -4.20 13.91 24.84
C5B FAD D . -3.87 14.76 25.91
C4B FAD D . -5.20 15.08 26.63
O4B FAD D . -4.92 15.66 27.77
C3B FAD D . -6.04 16.06 25.82
O3B FAD D . -7.25 15.56 25.54
C2B FAD D . -6.12 17.32 26.77
O2B FAD D . -7.38 18.09 26.57
C1B FAD D . -6.06 16.79 27.93
N9A FAD D . -5.66 17.71 28.95
C8A FAD D . -4.59 18.55 28.84
N7A FAD D . -4.52 19.27 30.00
C5A FAD D . -5.56 18.86 30.83
C6A FAD D . -5.96 19.27 32.12
N6A FAD D . -5.44 20.26 33.05
N1A FAD D . -7.04 18.72 32.72
C2A FAD D . -7.75 17.73 32.04
N3A FAD D . -7.36 17.33 30.78
C4A FAD D . -6.26 17.91 30.19
N1 FAD D . -0.46 10.26 15.32
C2 FAD D . -0.39 9.20 14.32
O2 FAD D . -0.14 8.07 14.66
N3 FAD D . -0.63 9.52 12.91
C4 FAD D . -0.94 10.85 12.53
O4 FAD D . -1.12 11.07 11.33
C4X FAD D . -1.00 11.93 13.57
N5 FAD D . -1.28 13.29 13.20
C5X FAD D . -1.34 14.30 14.26
C6 FAD D . -1.62 15.64 13.93
C7 FAD D . -1.67 16.60 14.94
C7M FAD D . -2.00 17.91 14.27
C8 FAD D . -1.44 16.25 16.30
C8M FAD D . -1.50 17.38 17.32
C9 FAD D . -1.15 14.93 16.63
C9A FAD D . -1.10 13.95 15.62
N10 FAD D . -0.79 12.57 15.98
C10 FAD D . -0.76 11.59 14.95
C1' FAD D . -0.56 12.19 17.42
C2' FAD D . -1.90 11.74 18.11
O2' FAD D . -2.69 12.85 18.36
C3' FAD D . -1.62 10.92 19.36
O3' FAD D . -2.79 10.15 19.73
C4' FAD D . -1.28 11.74 20.58
O4' FAD D . 0.02 12.26 20.51
C5' FAD D . -1.38 10.81 21.76
O5' FAD D . -0.60 11.26 22.87
P FAD D . -1.44 11.81 24.08
O1P FAD D . -2.58 10.87 24.39
O2P FAD D . -0.54 11.97 25.28
O3P FAD D . -1.89 13.30 23.66
N NO3 E . -11.86 8.34 10.61
O1 NO3 E . -11.93 9.00 9.58
O2 NO3 E . -11.56 7.02 10.53
O3 NO3 E . -12.13 8.91 11.82
N NO3 F . -14.48 8.66 -3.09
O1 NO3 F . -15.46 8.37 -3.76
O2 NO3 F . -14.37 8.20 -1.81
O3 NO3 F . -13.51 9.48 -3.62
N NO3 G . -17.62 15.14 -9.54
O1 NO3 G . -18.22 16.20 -9.44
O2 NO3 G . -18.18 14.07 -10.20
O3 NO3 G . -16.38 14.99 -8.99
N NO3 H . 20.24 2.61 1.91
O1 NO3 H . 20.59 3.77 1.71
O2 NO3 H . 19.18 2.08 1.24
O3 NO3 H . 20.94 1.84 2.80
S SO4 I . 0.14 -9.79 26.23
O1 SO4 I . 0.66 -8.99 27.34
O2 SO4 I . -1.26 -9.44 26.01
O3 SO4 I . 0.92 -9.53 25.02
O4 SO4 I . 0.23 -11.22 26.54
S SO4 J . 13.55 24.66 -7.67
O1 SO4 J . 14.34 24.56 -6.45
O2 SO4 J . 12.40 25.53 -7.43
O3 SO4 J . 14.37 25.25 -8.72
O4 SO4 J . 13.10 23.33 -8.10
N1 UDP K . -1.32 -2.00 -22.93
C2 UDP K . -0.59 -0.98 -23.59
N3 UDP K . 0.44 -0.39 -22.85
C4 UDP K . 0.80 -0.77 -21.53
C5 UDP K . -0.01 -1.83 -20.95
C6 UDP K . -1.03 -2.40 -21.64
O2 UDP K . -0.84 -0.62 -24.73
O4 UDP K . 1.75 -0.18 -20.99
C1' UDP K . -2.41 -2.62 -23.72
C2' UDP K . -1.81 -3.73 -24.66
O2' UDP K . -2.56 -3.76 -25.83
C3' UDP K . -2.03 -4.98 -23.78
C4' UDP K . -3.38 -4.64 -23.11
O4' UDP K . -3.30 -3.25 -22.82
O3' UDP K . -2.22 -6.11 -24.56
C5' UDP K . -3.60 -5.41 -21.76
O5' UDP K . -2.56 -5.10 -20.98
PA UDP K . -2.02 -6.34 -19.75
O1A UDP K . -1.22 -5.44 -18.91
O2A UDP K . -3.42 -6.74 -19.27
O3A UDP K . -1.33 -7.37 -20.69
PB UDP K . -0.67 -8.93 -20.24
O1B UDP K . 0.04 -8.69 -18.91
O2B UDP K . 0.22 -9.26 -21.43
O3B UDP K . -1.92 -9.78 -20.16
PA FAD L . -2.70 -23.02 -19.07
O1A FAD L . -1.94 -22.41 -17.88
O2A FAD L . -2.03 -22.65 -20.39
O5B FAD L . -2.69 -24.63 -18.90
C5B FAD L . -2.98 -25.41 -20.03
C4B FAD L . -2.09 -26.68 -19.95
O4B FAD L . -2.47 -27.50 -20.92
C3B FAD L . -0.65 -26.33 -20.23
O3B FAD L . 0.14 -26.66 -19.18
C2B FAD L . -0.29 -27.23 -21.47
O2B FAD L . 1.14 -27.62 -21.41
C1B FAD L . -1.10 -28.23 -21.34
N9A FAD L . -1.33 -28.93 -22.55
C8A FAD L . -1.58 -28.34 -23.74
N7A FAD L . -1.75 -29.33 -24.68
C5A FAD L . -1.61 -30.53 -24.03
C6A FAD L . -1.68 -31.86 -24.51
N6A FAD L . -1.93 -32.40 -25.84
N1A FAD L . -1.49 -32.90 -23.67
C2A FAD L . -1.22 -32.65 -22.34
N3A FAD L . -1.16 -31.35 -21.85
C4A FAD L . -1.34 -30.30 -22.72
N1 FAD L . -3.17 -14.58 -15.07
C2 FAD L . -3.34 -13.70 -13.89
O2 FAD L . -4.28 -13.83 -13.16
N3 FAD L . -2.36 -12.64 -13.61
C4 FAD L . -1.24 -12.46 -14.46
O4 FAD L . -0.44 -11.57 -14.22
C4X FAD L . -1.07 -13.37 -15.66
N5 FAD L . 0.05 -13.20 -16.52
C5X FAD L . 0.20 -14.10 -17.67
C6 FAD L . 1.30 -13.95 -18.55
C7 FAD L . 1.42 -14.83 -19.64
C7M FAD L . 2.67 -14.43 -20.38
C8 FAD L . 0.46 -15.84 -19.88
C8M FAD L . 0.68 -16.73 -21.09
C9 FAD L . -0.62 -15.97 -19.02
C9A FAD L . -0.76 -15.12 -17.92
N10 FAD L . -1.90 -15.30 -17.04
C10 FAD L . -2.04 -14.41 -15.92
C1' FAD L . -2.89 -16.40 -17.32
C2' FAD L . -2.36 -17.78 -16.74
O2' FAD L . -1.05 -18.07 -17.13
C3' FAD L . -3.20 -18.92 -17.27
O3' FAD L . -3.54 -18.66 -18.63
C4' FAD L . -4.43 -19.06 -16.42
O4' FAD L . -4.06 -19.58 -15.15
C5' FAD L . -5.39 -19.99 -17.11
O5' FAD L . -4.88 -21.33 -16.96
P FAD L . -5.30 -22.50 -17.96
O1P FAD L . -5.31 -23.81 -17.20
O2P FAD L . -6.63 -22.19 -18.57
O3P FAD L . -4.21 -22.53 -19.14
N NO3 M . 6.18 -16.81 -6.74
O1 NO3 M . 5.30 -16.51 -5.96
O2 NO3 M . 6.16 -18.01 -7.39
O3 NO3 M . 7.23 -15.95 -6.96
N NO3 N . -15.82 7.71 -14.48
O1 NO3 N . -15.38 8.26 -15.49
O2 NO3 N . -17.15 7.40 -14.39
O3 NO3 N . -14.99 7.41 -13.43
S SO4 O . -12.50 -14.05 5.54
O1 SO4 O . -12.70 -14.70 6.83
O2 SO4 O . -13.45 -12.95 5.40
O3 SO4 O . -11.13 -13.54 5.44
O4 SO4 O . -12.73 -15.02 4.48
S SO4 P . -11.99 -33.45 -39.66
O1 SO4 P . -11.89 -33.30 -38.21
O2 SO4 P . -12.75 -32.34 -40.24
O3 SO4 P . -10.65 -33.50 -40.22
O4 SO4 P . -12.70 -34.70 -39.96
S SO4 Q . -15.14 -7.14 -27.29
O1 SO4 Q . -13.98 -6.33 -26.95
O2 SO4 Q . -16.28 -6.65 -26.52
O3 SO4 Q . -15.42 -7.04 -28.72
O4 SO4 Q . -14.87 -8.53 -26.93
S SO4 R . -7.89 -1.74 -0.85
O1 SO4 R . -8.70 -2.21 0.28
O2 SO4 R . -7.81 -0.29 -0.82
O3 SO4 R . -6.55 -2.31 -0.74
O4 SO4 R . -8.50 -2.18 -2.11
S SO4 S . -0.96 24.19 -19.99
O1 SO4 S . -0.51 25.39 -19.27
O2 SO4 S . -2.41 24.07 -19.88
O3 SO4 S . -0.58 24.29 -21.40
O4 SO4 S . -0.32 23.02 -19.39
#